data_4EEI
#
_entry.id   4EEI
#
_cell.length_a   88.759
_cell.length_b   88.759
_cell.length_c   254.724
_cell.angle_alpha   90.00
_cell.angle_beta   90.00
_cell.angle_gamma   90.00
#
_symmetry.space_group_name_H-M   'P 43 21 2'
#
loop_
_entity.id
_entity.type
_entity.pdbx_description
1 polymer 'Adenylosuccinate lyase'
2 non-polymer 'ADENOSINE MONOPHOSPHATE'
3 non-polymer 1,2-ETHANEDIOL
4 non-polymer 'POTASSIUM ION'
5 non-polymer 'SUCCINIC ACID'
6 non-polymer 'CHLORIDE ION'
7 water water
#
_entity_poly.entity_id   1
_entity_poly.type   'polypeptide(L)'
_entity_poly.pdbx_seq_one_letter_code
;MIKRYDVAEISKIWADENKYAKMLEVELAILEALEDRMVPKGTAAEIRARAQIRPERVDEIEKVTKHDIIAFCTSIAEQF
TAETGKFFHFGVTSSDIIDSALSLQIRDSMSYVIKDLEALCDSLLTKAEETKEIITMGRSHGMFAEPMSFGQKFLGAYVE
FKRRLKDLKDFQKDGLTVQFSGAVGNYCILTTEDEKKAADILGLPVEEVSTQVIPRDRIAKLISIHGLIASAIERLAVEI
RHLHRSDVFEVYEGFSKGQKGSSTMPHKKNPISTENLTGMARMLRSHVSIALENCVLWHERDISHSSAERFYLPDNFGIM
VYALRRMKNTIDNLVVQRDIIEDRVRSTSAYLSSFYLHFLVANTPFMREDCYKIVQQVAFDLKQGESFSKKLQKVMHDEH
NIILDIPEMDFEGIKKTYLKEIDHVFDRSVKARGENLY
;
_entity_poly.pdbx_strand_id   A,B
#
# COMPACT_ATOMS: atom_id res chain seq x y z
N MET A 1 -12.27 -16.85 2.88
CA MET A 1 -13.49 -16.16 3.27
C MET A 1 -13.90 -16.54 4.68
N ILE A 2 -14.51 -15.61 5.40
CA ILE A 2 -15.01 -15.90 6.72
C ILE A 2 -16.49 -15.53 6.82
N LYS A 3 -17.16 -16.14 7.79
CA LYS A 3 -18.61 -16.02 7.93
C LYS A 3 -19.05 -14.57 8.12
N ARG A 4 -18.25 -13.78 8.84
CA ARG A 4 -18.57 -12.39 9.12
C ARG A 4 -18.88 -11.58 7.85
N TYR A 5 -18.18 -11.88 6.77
CA TYR A 5 -18.34 -11.10 5.53
C TYR A 5 -18.83 -11.92 4.35
N ASP A 6 -19.32 -13.12 4.62
CA ASP A 6 -19.72 -14.05 3.55
C ASP A 6 -21.03 -13.62 2.89
N VAL A 7 -20.97 -13.29 1.60
CA VAL A 7 -22.18 -13.11 0.78
C VAL A 7 -22.59 -14.47 0.21
N ALA A 8 -23.73 -14.99 0.64
CA ALA A 8 -24.12 -16.38 0.35
C ALA A 8 -24.09 -16.73 -1.13
N GLU A 9 -24.65 -15.88 -1.97
CA GLU A 9 -24.75 -16.22 -3.40
C GLU A 9 -23.39 -16.23 -4.08
N ILE A 10 -22.43 -15.51 -3.52
CA ILE A 10 -21.07 -15.52 -4.07
C ILE A 10 -20.30 -16.75 -3.60
N SER A 11 -20.39 -17.08 -2.32
CA SER A 11 -19.66 -18.26 -1.85
C SER A 11 -20.25 -19.53 -2.47
N LYS A 12 -21.54 -19.50 -2.78
CA LYS A 12 -22.16 -20.65 -3.43
C LYS A 12 -21.55 -20.91 -4.81
N ILE A 13 -21.19 -19.86 -5.52
CA ILE A 13 -20.58 -20.01 -6.83
C ILE A 13 -19.27 -20.78 -6.72
N TRP A 14 -18.49 -20.47 -5.69
CA TRP A 14 -17.17 -21.06 -5.50
C TRP A 14 -17.13 -22.30 -4.64
N ALA A 15 -18.28 -22.69 -4.09
CA ALA A 15 -18.37 -23.90 -3.26
C ALA A 15 -18.19 -25.16 -4.10
N ASP A 16 -17.66 -26.22 -3.49
CA ASP A 16 -17.40 -27.45 -4.24
C ASP A 16 -18.56 -27.90 -5.11
N GLU A 17 -19.78 -27.83 -4.58
CA GLU A 17 -20.92 -28.30 -5.36
C GLU A 17 -21.05 -27.57 -6.70
N ASN A 18 -20.95 -26.24 -6.71
CA ASN A 18 -21.06 -25.53 -7.97
C ASN A 18 -19.80 -25.71 -8.83
N LYS A 19 -18.66 -25.86 -8.19
CA LYS A 19 -17.41 -26.12 -8.91
C LYS A 19 -17.56 -27.38 -9.77
N TYR A 20 -18.07 -28.45 -9.16
CA TYR A 20 -18.26 -29.71 -9.89
C TYR A 20 -19.40 -29.61 -10.89
N ALA A 21 -20.48 -28.92 -10.51
CA ALA A 21 -21.60 -28.69 -11.43
C ALA A 21 -21.15 -27.99 -12.72
N LYS A 22 -20.26 -27.01 -12.60
CA LYS A 22 -19.77 -26.32 -13.79
C LYS A 22 -18.83 -27.20 -14.61
N MET A 23 -17.96 -27.97 -13.93
CA MET A 23 -17.15 -28.94 -14.64
C MET A 23 -18.03 -29.95 -15.38
N LEU A 24 -19.13 -30.35 -14.76
CA LEU A 24 -20.04 -31.28 -15.44
C LEU A 24 -20.64 -30.64 -16.68
N GLU A 25 -21.06 -29.38 -16.57
CA GLU A 25 -21.60 -28.67 -17.73
C GLU A 25 -20.60 -28.62 -18.89
N VAL A 26 -19.34 -28.35 -18.56
CA VAL A 26 -18.28 -28.32 -19.58
C VAL A 26 -18.04 -29.71 -20.18
N GLU A 27 -18.00 -30.74 -19.33
CA GLU A 27 -17.89 -32.13 -19.83
C GLU A 27 -18.98 -32.49 -20.81
N LEU A 28 -20.21 -32.09 -20.49
CA LEU A 28 -21.34 -32.43 -21.35
C LEU A 28 -21.37 -31.59 -22.63
N ALA A 29 -20.72 -30.44 -22.61
CA ALA A 29 -20.68 -29.59 -23.80
C ALA A 29 -19.82 -30.24 -24.88
N ILE A 30 -18.66 -30.73 -24.49
CA ILE A 30 -17.77 -31.40 -25.45
C ILE A 30 -18.30 -32.78 -25.80
N LEU A 31 -18.94 -33.45 -24.83
CA LEU A 31 -19.54 -34.75 -25.12
C LEU A 31 -20.65 -34.63 -26.17
N GLU A 32 -21.44 -33.56 -26.07
CA GLU A 32 -22.52 -33.32 -27.02
C GLU A 32 -21.93 -32.98 -28.40
N ALA A 33 -20.85 -32.21 -28.40
CA ALA A 33 -20.19 -31.88 -29.66
C ALA A 33 -19.68 -33.15 -30.34
N LEU A 34 -19.16 -34.08 -29.55
CA LEU A 34 -18.63 -35.33 -30.11
C LEU A 34 -19.72 -36.27 -30.63
N GLU A 35 -20.98 -35.95 -30.35
CA GLU A 35 -22.08 -36.75 -30.92
C GLU A 35 -22.15 -36.54 -32.43
N ASP A 36 -21.49 -35.51 -32.93
CA ASP A 36 -21.37 -35.30 -34.38
C ASP A 36 -20.28 -36.20 -34.96
N ARG A 37 -19.54 -36.86 -34.08
CA ARG A 37 -18.53 -37.81 -34.51
C ARG A 37 -18.83 -39.23 -34.03
N MET A 38 -18.17 -39.67 -32.96
CA MET A 38 -18.24 -41.06 -32.53
C MET A 38 -19.23 -41.38 -31.39
N VAL A 39 -19.72 -40.36 -30.70
CA VAL A 39 -20.57 -40.57 -29.54
C VAL A 39 -22.04 -40.74 -29.94
N PRO A 40 -22.70 -41.80 -29.45
CA PRO A 40 -24.12 -41.99 -29.80
C PRO A 40 -24.96 -40.77 -29.42
N LYS A 41 -25.85 -40.40 -30.33
CA LYS A 41 -26.74 -39.26 -30.12
C LYS A 41 -27.59 -39.45 -28.87
N GLY A 42 -27.70 -38.39 -28.07
CA GLY A 42 -28.53 -38.46 -26.87
C GLY A 42 -27.75 -38.77 -25.61
N THR A 43 -26.47 -39.13 -25.77
CA THR A 43 -25.64 -39.50 -24.63
C THR A 43 -25.51 -38.38 -23.60
N ALA A 44 -25.16 -37.17 -24.05
CA ALA A 44 -24.98 -36.06 -23.13
C ALA A 44 -26.29 -35.74 -22.41
N ALA A 45 -27.39 -35.77 -23.15
CA ALA A 45 -28.70 -35.48 -22.57
C ALA A 45 -29.05 -36.51 -21.49
N GLU A 46 -28.72 -37.77 -21.75
CA GLU A 46 -28.96 -38.85 -20.81
C GLU A 46 -28.18 -38.64 -19.51
N ILE A 47 -26.91 -38.30 -19.63
CA ILE A 47 -26.11 -38.05 -18.43
C ILE A 47 -26.60 -36.79 -17.70
N ARG A 48 -26.94 -35.75 -18.45
CA ARG A 48 -27.39 -34.50 -17.85
C ARG A 48 -28.63 -34.73 -16.98
N ALA A 49 -29.53 -35.57 -17.45
CA ALA A 49 -30.79 -35.80 -16.76
C ALA A 49 -30.66 -36.57 -15.44
N ARG A 50 -29.54 -37.28 -15.25
CA ARG A 50 -29.38 -38.14 -14.08
C ARG A 50 -28.21 -37.77 -13.15
N ALA A 51 -27.15 -37.19 -13.71
CA ALA A 51 -25.90 -37.04 -12.96
C ALA A 51 -26.06 -36.25 -11.65
N GLN A 52 -25.53 -36.80 -10.57
CA GLN A 52 -25.58 -36.16 -9.25
C GLN A 52 -24.20 -35.65 -8.88
N ILE A 53 -24.16 -34.49 -8.23
CA ILE A 53 -22.90 -33.93 -7.74
C ILE A 53 -22.70 -34.37 -6.29
N ARG A 54 -21.59 -35.06 -6.02
CA ARG A 54 -21.35 -35.69 -4.72
C ARG A 54 -19.96 -35.34 -4.18
N PRO A 55 -19.82 -34.15 -3.58
CA PRO A 55 -18.50 -33.66 -3.16
C PRO A 55 -17.80 -34.56 -2.14
N GLU A 56 -18.53 -35.11 -1.17
CA GLU A 56 -17.93 -36.00 -0.19
C GLU A 56 -17.38 -37.25 -0.87
N ARG A 57 -18.09 -37.75 -1.86
CA ARG A 57 -17.63 -38.92 -2.62
C ARG A 57 -16.39 -38.56 -3.44
N VAL A 58 -16.37 -37.39 -4.05
CA VAL A 58 -15.20 -36.94 -4.80
C VAL A 58 -13.98 -36.92 -3.87
N ASP A 59 -14.13 -36.30 -2.70
CA ASP A 59 -13.08 -36.25 -1.71
C ASP A 59 -12.57 -37.65 -1.34
N GLU A 60 -13.50 -38.57 -1.17
CA GLU A 60 -13.16 -39.95 -0.82
C GLU A 60 -12.31 -40.60 -1.92
N ILE A 61 -12.75 -40.44 -3.17
CA ILE A 61 -11.99 -40.98 -4.30
C ILE A 61 -10.61 -40.32 -4.43
N GLU A 62 -10.54 -39.01 -4.25
CA GLU A 62 -9.28 -38.28 -4.38
C GLU A 62 -8.22 -38.76 -3.39
N LYS A 63 -8.65 -39.34 -2.27
CA LYS A 63 -7.69 -39.88 -1.30
C LYS A 63 -6.88 -41.00 -1.92
N VAL A 64 -7.47 -41.70 -2.87
CA VAL A 64 -6.82 -42.80 -3.57
C VAL A 64 -6.14 -42.29 -4.84
N THR A 65 -6.89 -41.56 -5.66
CA THR A 65 -6.36 -41.09 -6.95
C THR A 65 -5.28 -40.03 -6.82
N LYS A 66 -5.35 -39.22 -5.77
CA LYS A 66 -4.48 -38.05 -5.59
C LYS A 66 -4.63 -37.08 -6.75
N HIS A 67 -5.79 -37.09 -7.40
CA HIS A 67 -6.04 -36.25 -8.57
C HIS A 67 -7.51 -35.88 -8.56
N ASP A 68 -7.82 -34.60 -8.32
CA ASP A 68 -9.20 -34.17 -8.11
C ASP A 68 -10.10 -34.36 -9.34
N ILE A 69 -9.55 -34.19 -10.54
CA ILE A 69 -10.39 -34.29 -11.74
C ILE A 69 -10.71 -35.74 -12.08
N ILE A 70 -9.73 -36.62 -11.90
CA ILE A 70 -9.98 -38.03 -12.04
C ILE A 70 -11.02 -38.47 -11.01
N ALA A 71 -10.91 -37.95 -9.79
CA ALA A 71 -11.88 -38.29 -8.75
C ALA A 71 -13.27 -37.80 -9.17
N PHE A 72 -13.34 -36.56 -9.66
CA PHE A 72 -14.62 -36.04 -10.16
C PHE A 72 -15.19 -36.91 -11.29
N CYS A 73 -14.37 -37.22 -12.28
CA CYS A 73 -14.82 -38.06 -13.38
C CYS A 73 -15.30 -39.43 -12.90
N THR A 74 -14.56 -40.00 -11.96
CA THR A 74 -14.95 -41.31 -11.42
C THR A 74 -16.31 -41.18 -10.74
N SER A 75 -16.55 -40.06 -10.07
CA SER A 75 -17.80 -39.92 -9.31
C SER A 75 -19.00 -39.80 -10.22
N ILE A 76 -18.77 -39.34 -11.44
CA ILE A 76 -19.84 -39.25 -12.43
C ILE A 76 -20.00 -40.60 -13.13
N ALA A 77 -18.89 -41.16 -13.59
CA ALA A 77 -18.96 -42.41 -14.36
C ALA A 77 -19.56 -43.59 -13.58
N GLU A 78 -19.36 -43.62 -12.27
CA GLU A 78 -19.84 -44.77 -11.49
C GLU A 78 -21.36 -44.72 -11.29
N GLN A 79 -22.02 -43.70 -11.86
CA GLN A 79 -23.48 -43.61 -11.78
C GLN A 79 -24.14 -44.16 -13.04
N PHE A 80 -23.33 -44.43 -14.05
CA PHE A 80 -23.89 -44.93 -15.33
C PHE A 80 -23.34 -46.28 -15.75
N THR A 81 -24.00 -46.91 -16.71
CA THR A 81 -23.50 -48.15 -17.31
C THR A 81 -22.13 -47.88 -17.94
N ALA A 82 -21.32 -48.93 -18.12
CA ALA A 82 -20.01 -48.74 -18.73
C ALA A 82 -20.18 -48.18 -20.15
N GLU A 83 -21.27 -48.57 -20.79
N GLU A 83 -21.28 -48.57 -20.78
CA GLU A 83 -21.58 -48.11 -22.13
CA GLU A 83 -21.59 -48.12 -22.14
C GLU A 83 -21.93 -46.62 -22.20
C GLU A 83 -21.93 -46.62 -22.20
N THR A 84 -22.79 -46.16 -21.30
CA THR A 84 -23.20 -44.76 -21.29
C THR A 84 -22.06 -43.82 -20.90
N GLY A 85 -21.22 -44.27 -19.97
CA GLY A 85 -20.11 -43.44 -19.52
C GLY A 85 -18.87 -43.55 -20.38
N LYS A 86 -18.92 -44.37 -21.42
CA LYS A 86 -17.74 -44.68 -22.22
C LYS A 86 -16.96 -43.47 -22.74
N PHE A 87 -17.68 -42.51 -23.31
CA PHE A 87 -17.04 -41.35 -23.92
C PHE A 87 -16.97 -40.12 -23.01
N PHE A 88 -17.34 -40.30 -21.74
CA PHE A 88 -17.25 -39.20 -20.80
C PHE A 88 -15.77 -38.86 -20.58
N HIS A 89 -15.45 -37.58 -20.67
CA HIS A 89 -14.06 -37.10 -20.55
C HIS A 89 -13.15 -37.69 -21.63
N PHE A 90 -13.61 -37.66 -22.88
CA PHE A 90 -12.84 -38.23 -23.99
C PHE A 90 -12.11 -37.17 -24.80
N GLY A 91 -10.80 -37.35 -24.98
CA GLY A 91 -10.00 -36.46 -25.80
C GLY A 91 -9.49 -35.20 -25.12
N VAL A 92 -10.18 -34.77 -24.07
CA VAL A 92 -9.80 -33.58 -23.32
C VAL A 92 -8.68 -33.87 -22.33
N THR A 93 -7.96 -32.82 -21.93
CA THR A 93 -7.07 -32.93 -20.78
C THR A 93 -7.83 -32.36 -19.58
N SER A 94 -7.39 -32.66 -18.37
CA SER A 94 -8.13 -32.20 -17.19
C SER A 94 -8.35 -30.69 -17.16
N SER A 95 -7.35 -29.93 -17.58
CA SER A 95 -7.47 -28.48 -17.52
C SER A 95 -8.37 -27.87 -18.62
N ASP A 96 -8.65 -28.63 -19.68
CA ASP A 96 -9.68 -28.20 -20.62
C ASP A 96 -10.96 -28.05 -19.82
N ILE A 97 -11.21 -29.02 -18.96
CA ILE A 97 -12.42 -29.01 -18.14
C ILE A 97 -12.34 -27.96 -17.04
N ILE A 98 -11.24 -27.98 -16.28
CA ILE A 98 -11.08 -27.07 -15.16
C ILE A 98 -11.16 -25.59 -15.57
N ASP A 99 -10.37 -25.20 -16.57
CA ASP A 99 -10.26 -23.79 -16.90
C ASP A 99 -11.53 -23.28 -17.57
N SER A 100 -12.19 -24.15 -18.35
CA SER A 100 -13.44 -23.75 -18.99
C SER A 100 -14.53 -23.56 -17.94
N ALA A 101 -14.56 -24.44 -16.95
CA ALA A 101 -15.56 -24.35 -15.89
C ALA A 101 -15.24 -23.15 -15.03
N LEU A 102 -13.96 -22.88 -14.83
CA LEU A 102 -13.54 -21.70 -14.08
C LEU A 102 -14.06 -20.42 -14.73
N SER A 103 -14.00 -20.34 -16.05
CA SER A 103 -14.56 -19.21 -16.76
C SER A 103 -16.05 -19.03 -16.46
N LEU A 104 -16.76 -20.13 -16.33
CA LEU A 104 -18.19 -20.08 -16.02
C LEU A 104 -18.41 -19.50 -14.62
N GLN A 105 -17.59 -19.91 -13.67
CA GLN A 105 -17.70 -19.36 -12.31
C GLN A 105 -17.37 -17.87 -12.27
N ILE A 106 -16.33 -17.48 -13.00
CA ILE A 106 -15.95 -16.08 -13.06
C ILE A 106 -17.06 -15.27 -13.72
N ARG A 107 -17.58 -15.78 -14.83
CA ARG A 107 -18.67 -15.12 -15.55
C ARG A 107 -19.86 -14.84 -14.63
N ASP A 108 -20.26 -15.87 -13.89
CA ASP A 108 -21.39 -15.73 -12.99
C ASP A 108 -21.07 -14.78 -11.82
N SER A 109 -19.83 -14.78 -11.37
CA SER A 109 -19.42 -13.85 -10.29
C SER A 109 -19.42 -12.40 -10.79
N MET A 110 -18.91 -12.19 -12.00
CA MET A 110 -18.84 -10.86 -12.59
C MET A 110 -20.23 -10.25 -12.71
N SER A 111 -21.23 -11.08 -12.97
CA SER A 111 -22.58 -10.58 -13.13
C SER A 111 -23.05 -9.84 -11.88
N TYR A 112 -22.77 -10.41 -10.72
CA TYR A 112 -23.08 -9.77 -9.44
C TYR A 112 -22.26 -8.52 -9.22
N VAL A 113 -20.96 -8.58 -9.50
CA VAL A 113 -20.09 -7.42 -9.32
C VAL A 113 -20.59 -6.24 -10.14
N ILE A 114 -20.92 -6.52 -11.40
CA ILE A 114 -21.34 -5.46 -12.31
C ILE A 114 -22.65 -4.85 -11.82
N LYS A 115 -23.58 -5.70 -11.41
CA LYS A 115 -24.86 -5.22 -10.90
C LYS A 115 -24.66 -4.32 -9.67
N ASP A 116 -23.78 -4.73 -8.76
CA ASP A 116 -23.54 -3.95 -7.54
C ASP A 116 -22.70 -2.71 -7.79
N LEU A 117 -21.86 -2.74 -8.83
CA LEU A 117 -21.09 -1.55 -9.18
C LEU A 117 -22.01 -0.50 -9.81
N GLU A 118 -22.95 -0.96 -10.64
CA GLU A 118 -23.94 -0.04 -11.21
C GLU A 118 -24.77 0.60 -10.09
N ALA A 119 -25.17 -0.21 -9.11
CA ALA A 119 -25.98 0.29 -8.00
C ALA A 119 -25.22 1.35 -7.22
N LEU A 120 -23.92 1.14 -7.01
CA LEU A 120 -23.11 2.11 -6.31
C LEU A 120 -23.00 3.41 -7.09
N CYS A 121 -22.79 3.33 -8.41
CA CYS A 121 -22.78 4.54 -9.24
C CYS A 121 -24.08 5.31 -9.10
N ASP A 122 -25.20 4.62 -9.21
CA ASP A 122 -26.50 5.28 -9.07
C ASP A 122 -26.62 6.00 -7.73
N SER A 123 -26.18 5.36 -6.66
CA SER A 123 -26.23 5.98 -5.32
C SER A 123 -25.36 7.22 -5.23
N LEU A 124 -24.17 7.16 -5.84
CA LEU A 124 -23.27 8.30 -5.82
C LEU A 124 -23.82 9.47 -6.61
N LEU A 125 -24.43 9.18 -7.76
CA LEU A 125 -24.99 10.25 -8.57
C LEU A 125 -26.18 10.89 -7.84
N THR A 126 -26.98 10.06 -7.19
CA THR A 126 -28.10 10.57 -6.38
C THR A 126 -27.58 11.49 -5.29
N LYS A 127 -26.54 11.07 -4.60
CA LYS A 127 -25.97 11.87 -3.53
C LYS A 127 -25.37 13.18 -4.07
N ALA A 128 -24.70 13.09 -5.22
CA ALA A 128 -24.12 14.28 -5.84
C ALA A 128 -25.20 15.30 -6.19
N GLU A 129 -26.31 14.82 -6.76
CA GLU A 129 -27.42 15.70 -7.11
C GLU A 129 -28.03 16.36 -5.87
N GLU A 130 -28.13 15.59 -4.79
CA GLU A 130 -28.71 16.09 -3.55
C GLU A 130 -27.89 17.20 -2.92
N THR A 131 -26.57 17.16 -3.10
CA THR A 131 -25.67 18.09 -2.41
C THR A 131 -24.99 19.07 -3.38
N LYS A 132 -25.44 19.05 -4.63
CA LYS A 132 -24.83 19.87 -5.68
C LYS A 132 -24.80 21.37 -5.34
N GLU A 133 -25.84 21.84 -4.64
N GLU A 133 -25.85 21.82 -4.63
CA GLU A 133 -25.92 23.27 -4.35
CA GLU A 133 -26.00 23.24 -4.29
C GLU A 133 -25.41 23.64 -2.96
C GLU A 133 -25.33 23.65 -2.99
N ILE A 134 -24.83 22.67 -2.27
CA ILE A 134 -24.20 22.95 -0.98
C ILE A 134 -22.78 23.42 -1.22
N ILE A 135 -22.45 24.63 -0.75
CA ILE A 135 -21.10 25.14 -0.90
C ILE A 135 -20.22 24.72 0.29
N THR A 136 -18.99 24.31 -0.01
CA THR A 136 -18.09 23.79 1.00
C THR A 136 -16.71 24.31 0.70
N MET A 137 -15.81 24.22 1.67
CA MET A 137 -14.42 24.57 1.43
C MET A 137 -13.68 23.42 0.74
N GLY A 138 -13.16 23.69 -0.46
CA GLY A 138 -12.24 22.75 -1.08
C GLY A 138 -10.96 22.80 -0.29
N ARG A 139 -10.26 21.67 -0.21
CA ARG A 139 -9.00 21.61 0.54
C ARG A 139 -7.87 21.00 -0.28
N SER A 140 -6.71 21.63 -0.25
N SER A 140 -6.71 21.65 -0.22
CA SER A 140 -5.54 20.99 -0.82
CA SER A 140 -5.50 21.09 -0.83
C SER A 140 -4.46 20.94 0.24
C SER A 140 -4.45 20.95 0.26
N HIS A 141 -3.81 19.78 0.34
CA HIS A 141 -2.88 19.47 1.44
C HIS A 141 -3.63 19.51 2.78
N GLY A 142 -4.95 19.32 2.73
CA GLY A 142 -5.76 19.41 3.92
C GLY A 142 -6.05 20.84 4.35
N MET A 143 -5.61 21.80 3.54
CA MET A 143 -5.76 23.22 3.88
C MET A 143 -6.83 23.88 3.02
N PHE A 144 -7.57 24.81 3.61
CA PHE A 144 -8.63 25.49 2.88
C PHE A 144 -8.03 26.20 1.68
N ALA A 145 -8.68 26.07 0.53
CA ALA A 145 -8.22 26.76 -0.66
C ALA A 145 -9.29 27.68 -1.21
N GLU A 146 -10.32 27.08 -1.81
CA GLU A 146 -11.44 27.85 -2.36
C GLU A 146 -12.75 27.08 -2.18
N PRO A 147 -13.85 27.80 -2.13
CA PRO A 147 -15.17 27.17 -2.09
C PRO A 147 -15.46 26.36 -3.35
N MET A 148 -16.33 25.37 -3.22
CA MET A 148 -16.69 24.51 -4.35
C MET A 148 -18.00 23.85 -4.02
N SER A 149 -18.54 23.09 -4.97
CA SER A 149 -19.77 22.35 -4.71
C SER A 149 -19.48 21.06 -3.93
N PHE A 150 -20.18 20.85 -2.81
CA PHE A 150 -20.01 19.63 -2.04
C PHE A 150 -20.33 18.40 -2.90
N GLY A 151 -21.37 18.53 -3.73
CA GLY A 151 -21.80 17.44 -4.59
C GLY A 151 -20.72 16.95 -5.53
N GLN A 152 -19.78 17.83 -5.86
CA GLN A 152 -18.70 17.47 -6.74
C GLN A 152 -17.79 16.39 -6.14
N LYS A 153 -17.82 16.25 -4.81
CA LYS A 153 -17.07 15.18 -4.16
C LYS A 153 -17.65 13.83 -4.54
N PHE A 154 -18.97 13.71 -4.48
CA PHE A 154 -19.63 12.46 -4.86
C PHE A 154 -19.59 12.26 -6.36
N LEU A 155 -19.69 13.34 -7.13
CA LEU A 155 -19.64 13.23 -8.59
C LEU A 155 -18.26 12.72 -9.04
N GLY A 156 -17.21 13.17 -8.34
CA GLY A 156 -15.86 12.73 -8.62
C GLY A 156 -15.68 11.23 -8.45
N ALA A 157 -16.30 10.68 -7.39
CA ALA A 157 -16.26 9.25 -7.19
C ALA A 157 -17.14 8.56 -8.22
N TYR A 158 -18.32 9.13 -8.49
CA TYR A 158 -19.23 8.57 -9.47
C TYR A 158 -18.54 8.33 -10.81
N VAL A 159 -17.85 9.35 -11.33
CA VAL A 159 -17.24 9.21 -12.65
C VAL A 159 -16.10 8.19 -12.63
N GLU A 160 -15.45 8.03 -11.49
CA GLU A 160 -14.34 7.09 -11.39
C GLU A 160 -14.87 5.66 -11.38
N PHE A 161 -15.93 5.42 -10.61
CA PHE A 161 -16.54 4.10 -10.61
C PHE A 161 -17.15 3.81 -11.98
N LYS A 162 -17.58 4.84 -12.68
CA LYS A 162 -18.11 4.68 -14.03
C LYS A 162 -17.02 4.22 -14.99
N ARG A 163 -15.82 4.78 -14.83
CA ARG A 163 -14.68 4.35 -15.62
C ARG A 163 -14.42 2.87 -15.39
N ARG A 164 -14.51 2.44 -14.13
CA ARG A 164 -14.30 1.03 -13.80
C ARG A 164 -15.42 0.17 -14.37
N LEU A 165 -16.64 0.71 -14.34
CA LEU A 165 -17.79 -0.03 -14.85
C LEU A 165 -17.64 -0.30 -16.33
N LYS A 166 -17.12 0.68 -17.06
CA LYS A 166 -16.87 0.48 -18.49
C LYS A 166 -15.81 -0.60 -18.69
N ASP A 167 -14.74 -0.55 -17.89
CA ASP A 167 -13.70 -1.57 -17.95
C ASP A 167 -14.29 -2.97 -17.77
N LEU A 168 -15.15 -3.14 -16.77
CA LEU A 168 -15.75 -4.44 -16.49
C LEU A 168 -16.69 -4.89 -17.60
N LYS A 169 -17.49 -3.96 -18.13
CA LYS A 169 -18.39 -4.32 -19.22
C LYS A 169 -17.61 -4.67 -20.48
N ASP A 170 -16.51 -3.96 -20.73
CA ASP A 170 -15.62 -4.32 -21.85
C ASP A 170 -15.06 -5.74 -21.67
N PHE A 171 -14.66 -6.08 -20.44
CA PHE A 171 -14.12 -7.42 -20.17
C PHE A 171 -15.20 -8.48 -20.31
N GLN A 172 -16.42 -8.13 -19.88
CA GLN A 172 -17.55 -9.05 -19.99
C GLN A 172 -17.85 -9.35 -21.46
N LYS A 173 -17.85 -8.31 -22.29
CA LYS A 173 -18.07 -8.49 -23.72
C LYS A 173 -16.91 -9.28 -24.29
N ASP A 174 -15.70 -8.93 -23.87
CA ASP A 174 -14.50 -9.59 -24.39
C ASP A 174 -13.43 -9.77 -23.31
N GLY A 175 -13.36 -10.98 -22.75
CA GLY A 175 -12.42 -11.25 -21.68
C GLY A 175 -12.23 -12.74 -21.43
N LEU A 176 -13.34 -13.46 -21.27
CA LEU A 176 -13.30 -14.85 -20.85
C LEU A 176 -13.34 -15.79 -22.05
N THR A 177 -12.74 -16.97 -21.89
CA THR A 177 -12.69 -17.96 -22.96
C THR A 177 -12.86 -19.37 -22.42
N VAL A 178 -12.98 -20.34 -23.32
CA VAL A 178 -12.91 -21.75 -22.95
C VAL A 178 -11.90 -22.43 -23.87
N GLN A 179 -11.57 -23.68 -23.57
CA GLN A 179 -10.64 -24.45 -24.39
C GLN A 179 -11.00 -25.94 -24.38
N PHE A 180 -10.90 -26.56 -25.55
CA PHE A 180 -11.01 -28.00 -25.63
C PHE A 180 -9.93 -28.40 -26.61
N SER A 181 -8.68 -28.30 -26.17
CA SER A 181 -7.56 -28.46 -27.09
C SER A 181 -6.67 -29.65 -26.77
N GLY A 182 -6.96 -30.32 -25.66
CA GLY A 182 -6.22 -31.52 -25.29
C GLY A 182 -4.93 -31.25 -24.53
N ALA A 183 -4.10 -32.28 -24.40
CA ALA A 183 -2.95 -32.30 -23.49
C ALA A 183 -2.10 -31.05 -23.48
N VAL A 184 -1.69 -30.59 -24.65
CA VAL A 184 -0.85 -29.40 -24.74
C VAL A 184 -1.31 -28.43 -25.83
N GLY A 185 -2.63 -28.33 -26.02
CA GLY A 185 -3.18 -27.43 -27.03
C GLY A 185 -2.87 -27.93 -28.44
N ASN A 186 -2.73 -29.24 -28.58
CA ASN A 186 -2.25 -29.85 -29.82
C ASN A 186 -3.28 -30.69 -30.59
N TYR A 187 -4.48 -30.86 -30.03
CA TYR A 187 -5.60 -31.50 -30.73
C TYR A 187 -5.27 -32.89 -31.28
N CYS A 188 -4.77 -33.77 -30.42
CA CYS A 188 -4.45 -35.13 -30.85
C CYS A 188 -5.74 -35.86 -31.19
N ILE A 189 -6.71 -35.76 -30.28
CA ILE A 189 -7.96 -36.49 -30.42
C ILE A 189 -9.08 -35.56 -30.89
N LEU A 190 -9.21 -34.43 -30.20
CA LEU A 190 -10.22 -33.44 -30.55
C LEU A 190 -9.85 -32.66 -31.80
N THR A 191 -10.85 -32.06 -32.43
CA THR A 191 -10.62 -31.16 -33.56
C THR A 191 -11.04 -29.75 -33.15
N THR A 192 -10.63 -28.75 -33.91
CA THR A 192 -11.01 -27.39 -33.62
C THR A 192 -12.51 -27.21 -33.88
N GLU A 193 -13.06 -28.05 -34.74
CA GLU A 193 -14.49 -28.08 -35.00
C GLU A 193 -15.27 -28.56 -33.76
N ASP A 194 -14.81 -29.63 -33.14
CA ASP A 194 -15.40 -30.11 -31.90
C ASP A 194 -15.36 -28.99 -30.85
N GLU A 195 -14.19 -28.39 -30.70
CA GLU A 195 -13.98 -27.35 -29.70
C GLU A 195 -14.92 -26.17 -29.90
N LYS A 196 -15.11 -25.77 -31.16
CA LYS A 196 -15.98 -24.62 -31.46
C LYS A 196 -17.44 -24.91 -31.14
N LYS A 197 -17.90 -26.12 -31.47
CA LYS A 197 -19.26 -26.56 -31.15
C LYS A 197 -19.48 -26.54 -29.65
N ALA A 198 -18.56 -27.11 -28.89
CA ALA A 198 -18.64 -27.10 -27.43
C ALA A 198 -18.66 -25.69 -26.86
N ALA A 199 -17.79 -24.82 -27.39
CA ALA A 199 -17.71 -23.44 -26.93
C ALA A 199 -19.02 -22.69 -27.17
N ASP A 200 -19.62 -22.93 -28.34
CA ASP A 200 -20.90 -22.31 -28.68
C ASP A 200 -22.03 -22.74 -27.72
N ILE A 201 -21.97 -24.00 -27.29
CA ILE A 201 -22.95 -24.52 -26.33
C ILE A 201 -22.80 -23.79 -25.00
N LEU A 202 -21.55 -23.58 -24.59
CA LEU A 202 -21.27 -22.87 -23.34
C LEU A 202 -21.51 -21.36 -23.43
N GLY A 203 -21.43 -20.80 -24.64
CA GLY A 203 -21.68 -19.38 -24.83
C GLY A 203 -20.45 -18.51 -24.63
N LEU A 204 -19.26 -19.08 -24.83
CA LEU A 204 -18.02 -18.31 -24.70
C LEU A 204 -17.10 -18.56 -25.89
N PRO A 205 -16.21 -17.61 -26.21
CA PRO A 205 -15.32 -17.81 -27.36
C PRO A 205 -14.14 -18.73 -27.04
N VAL A 206 -13.51 -19.26 -28.08
CA VAL A 206 -12.42 -20.22 -27.96
C VAL A 206 -11.08 -19.50 -27.78
N GLU A 207 -10.25 -19.97 -26.85
CA GLU A 207 -8.90 -19.38 -26.65
C GLU A 207 -8.09 -19.48 -27.94
N GLU A 208 -7.46 -18.39 -28.37
CA GLU A 208 -6.72 -18.40 -29.65
C GLU A 208 -5.57 -19.40 -29.61
N VAL A 209 -4.74 -19.30 -28.58
CA VAL A 209 -3.69 -20.29 -28.36
C VAL A 209 -3.76 -20.76 -26.92
N SER A 210 -4.31 -21.94 -26.72
CA SER A 210 -4.29 -22.55 -25.42
C SER A 210 -3.09 -23.47 -25.36
N THR A 211 -2.63 -23.79 -24.15
N THR A 211 -2.74 -23.85 -24.16
CA THR A 211 -1.67 -24.87 -23.95
CA THR A 211 -1.71 -24.81 -23.96
C THR A 211 -2.42 -26.01 -23.27
C THR A 211 -2.42 -25.98 -23.26
N GLN A 212 -1.87 -26.56 -22.20
CA GLN A 212 -2.67 -27.46 -21.39
C GLN A 212 -3.73 -26.58 -20.70
N VAL A 213 -3.35 -25.33 -20.42
CA VAL A 213 -4.23 -24.38 -19.75
C VAL A 213 -4.61 -23.18 -20.60
N ILE A 214 -5.59 -22.43 -20.11
CA ILE A 214 -5.87 -21.10 -20.61
C ILE A 214 -4.86 -20.16 -19.97
N PRO A 215 -4.21 -19.31 -20.77
CA PRO A 215 -3.18 -18.40 -20.24
C PRO A 215 -3.73 -17.51 -19.12
N ARG A 216 -2.96 -17.32 -18.06
CA ARG A 216 -3.47 -16.66 -16.86
C ARG A 216 -3.52 -15.13 -16.92
N ASP A 217 -3.16 -14.53 -18.05
CA ASP A 217 -3.21 -13.07 -18.15
C ASP A 217 -4.65 -12.56 -18.25
N ARG A 218 -5.58 -13.44 -18.63
CA ARG A 218 -6.97 -13.03 -18.70
C ARG A 218 -7.50 -12.79 -17.29
N ILE A 219 -7.26 -13.74 -16.40
CA ILE A 219 -7.58 -13.56 -14.98
C ILE A 219 -6.85 -12.37 -14.39
N ALA A 220 -5.56 -12.24 -14.71
CA ALA A 220 -4.77 -11.14 -14.18
C ALA A 220 -5.33 -9.79 -14.61
N LYS A 221 -5.78 -9.70 -15.86
CA LYS A 221 -6.39 -8.47 -16.33
C LYS A 221 -7.64 -8.11 -15.51
N LEU A 222 -8.49 -9.10 -15.24
CA LEU A 222 -9.70 -8.85 -14.46
C LEU A 222 -9.35 -8.42 -13.03
N ILE A 223 -8.38 -9.12 -12.45
CA ILE A 223 -8.00 -8.84 -11.07
C ILE A 223 -7.35 -7.45 -10.97
N SER A 224 -6.69 -7.03 -12.05
N SER A 224 -6.71 -7.00 -12.04
CA SER A 224 -6.12 -5.69 -12.13
CA SER A 224 -6.12 -5.65 -12.04
C SER A 224 -7.22 -4.63 -12.12
C SER A 224 -7.21 -4.58 -12.15
N ILE A 225 -8.29 -4.88 -12.86
CA ILE A 225 -9.45 -3.97 -12.86
C ILE A 225 -10.01 -3.89 -11.44
N HIS A 226 -10.13 -5.03 -10.77
CA HIS A 226 -10.60 -5.04 -9.39
C HIS A 226 -9.66 -4.27 -8.47
N GLY A 227 -8.37 -4.30 -8.77
CA GLY A 227 -7.40 -3.51 -8.01
C GLY A 227 -7.66 -2.01 -8.15
N LEU A 228 -7.98 -1.57 -9.36
CA LEU A 228 -8.29 -0.16 -9.59
C LEU A 228 -9.59 0.20 -8.87
N ILE A 229 -10.56 -0.71 -8.90
CA ILE A 229 -11.79 -0.51 -8.15
C ILE A 229 -11.51 -0.36 -6.65
N ALA A 230 -10.53 -1.11 -6.15
CA ALA A 230 -10.17 -1.04 -4.74
C ALA A 230 -9.64 0.34 -4.39
N SER A 231 -8.89 0.94 -5.32
CA SER A 231 -8.39 2.29 -5.10
C SER A 231 -9.53 3.30 -5.11
N ALA A 232 -10.55 3.05 -5.92
CA ALA A 232 -11.70 3.96 -5.96
C ALA A 232 -12.46 3.87 -4.64
N ILE A 233 -12.64 2.65 -4.14
CA ILE A 233 -13.33 2.43 -2.87
C ILE A 233 -12.58 3.12 -1.73
N GLU A 234 -11.26 2.91 -1.69
CA GLU A 234 -10.44 3.49 -0.64
C GLU A 234 -10.41 5.01 -0.68
N ARG A 235 -10.30 5.59 -1.87
CA ARG A 235 -10.31 7.06 -1.97
C ARG A 235 -11.63 7.62 -1.47
N LEU A 236 -12.73 6.95 -1.77
CA LEU A 236 -14.03 7.43 -1.30
C LEU A 236 -14.19 7.21 0.20
N ALA A 237 -13.72 6.06 0.69
CA ALA A 237 -13.81 5.76 2.12
C ALA A 237 -13.01 6.79 2.90
N VAL A 238 -11.83 7.13 2.39
CA VAL A 238 -10.96 8.10 3.06
C VAL A 238 -11.58 9.49 3.11
N GLU A 239 -12.19 9.92 2.00
CA GLU A 239 -12.91 11.18 1.97
C GLU A 239 -13.98 11.24 3.05
N ILE A 240 -14.76 10.18 3.16
CA ILE A 240 -15.82 10.13 4.17
C ILE A 240 -15.24 10.14 5.59
N ARG A 241 -14.17 9.38 5.81
CA ARG A 241 -13.51 9.36 7.11
C ARG A 241 -12.97 10.73 7.50
N HIS A 242 -12.43 11.47 6.53
CA HIS A 242 -11.97 12.84 6.80
C HIS A 242 -13.12 13.76 7.20
N LEU A 243 -14.21 13.72 6.44
CA LEU A 243 -15.33 14.63 6.68
C LEU A 243 -16.06 14.27 7.97
N HIS A 244 -15.90 13.01 8.38
CA HIS A 244 -16.55 12.48 9.56
C HIS A 244 -15.84 12.89 10.86
N ARG A 245 -14.55 13.24 10.79
CA ARG A 245 -13.78 13.43 12.03
C ARG A 245 -14.34 14.56 12.89
N SER A 246 -14.08 14.52 14.18
CA SER A 246 -14.72 15.43 15.12
C SER A 246 -14.40 16.88 14.75
N ASP A 247 -13.16 17.10 14.32
CA ASP A 247 -12.73 18.43 13.92
C ASP A 247 -13.52 18.99 12.74
N VAL A 248 -13.84 18.16 11.75
CA VAL A 248 -14.59 18.65 10.60
C VAL A 248 -16.11 18.46 10.74
N PHE A 249 -16.53 17.24 11.03
CA PHE A 249 -17.94 16.94 11.32
C PHE A 249 -18.94 17.41 10.25
N GLU A 250 -18.61 17.25 8.97
CA GLU A 250 -19.51 17.65 7.90
C GLU A 250 -20.49 16.53 7.51
N VAL A 251 -20.12 15.28 7.81
CA VAL A 251 -21.03 14.15 7.61
C VAL A 251 -20.95 13.20 8.79
N TYR A 252 -21.93 12.31 8.90
CA TYR A 252 -21.79 11.15 9.78
C TYR A 252 -22.50 9.93 9.19
N GLU A 253 -21.97 8.74 9.46
CA GLU A 253 -22.59 7.52 8.95
C GLU A 253 -23.91 7.29 9.66
N GLY A 254 -24.96 7.06 8.88
CA GLY A 254 -26.29 6.89 9.43
C GLY A 254 -26.42 5.61 10.23
N PHE A 255 -27.28 5.62 11.24
CA PHE A 255 -27.46 4.46 12.11
C PHE A 255 -28.92 4.05 12.23
N LYS A 268 -20.25 7.48 19.76
CA LYS A 268 -21.36 6.76 19.14
C LYS A 268 -21.33 6.92 17.61
N LYS A 269 -21.09 8.14 17.14
CA LYS A 269 -20.96 8.35 15.71
C LYS A 269 -19.50 8.16 15.30
N ASN A 270 -19.23 7.07 14.60
CA ASN A 270 -17.90 6.74 14.10
C ASN A 270 -18.00 6.29 12.64
N PRO A 271 -16.96 6.57 11.84
CA PRO A 271 -16.94 6.08 10.45
C PRO A 271 -16.50 4.63 10.35
N ILE A 272 -17.16 3.74 11.08
CA ILE A 272 -16.74 2.34 11.15
C ILE A 272 -16.94 1.59 9.84
N SER A 273 -17.95 1.98 9.07
CA SER A 273 -18.19 1.32 7.78
C SER A 273 -17.08 1.65 6.76
N THR A 274 -16.76 2.93 6.61
CA THR A 274 -15.71 3.29 5.66
C THR A 274 -14.32 2.83 6.12
N GLU A 275 -14.13 2.68 7.43
CA GLU A 275 -12.89 2.09 7.92
C GLU A 275 -12.84 0.61 7.53
N ASN A 276 -13.94 -0.10 7.77
CA ASN A 276 -14.05 -1.48 7.34
C ASN A 276 -13.73 -1.62 5.85
N LEU A 277 -14.30 -0.74 5.03
CA LEU A 277 -14.10 -0.78 3.58
C LEU A 277 -12.66 -0.47 3.15
N THR A 278 -11.95 0.31 3.97
CA THR A 278 -10.53 0.57 3.70
C THR A 278 -9.75 -0.74 3.83
N GLY A 279 -10.03 -1.50 4.87
CA GLY A 279 -9.46 -2.83 5.04
C GLY A 279 -9.76 -3.78 3.89
N MET A 280 -11.00 -3.76 3.40
CA MET A 280 -11.39 -4.59 2.26
C MET A 280 -10.58 -4.18 1.04
N ALA A 281 -10.39 -2.88 0.85
CA ALA A 281 -9.64 -2.38 -0.29
C ALA A 281 -8.21 -2.88 -0.26
N ARG A 282 -7.62 -2.95 0.93
CA ARG A 282 -6.27 -3.46 1.06
C ARG A 282 -6.15 -4.91 0.62
N MET A 283 -7.17 -5.70 0.97
N MET A 283 -7.14 -5.75 0.93
CA MET A 283 -7.21 -7.11 0.60
CA MET A 283 -7.02 -7.14 0.51
C MET A 283 -7.23 -7.29 -0.91
C MET A 283 -7.20 -7.30 -0.98
N LEU A 284 -8.13 -6.55 -1.56
CA LEU A 284 -8.32 -6.63 -3.00
C LEU A 284 -7.04 -6.23 -3.71
N ARG A 285 -6.42 -5.14 -3.25
CA ARG A 285 -5.16 -4.71 -3.82
C ARG A 285 -4.06 -5.78 -3.71
N SER A 286 -4.02 -6.51 -2.60
CA SER A 286 -2.99 -7.54 -2.42
C SER A 286 -3.09 -8.71 -3.42
N HIS A 287 -4.25 -8.90 -4.04
CA HIS A 287 -4.43 -10.00 -4.97
C HIS A 287 -3.80 -9.77 -6.35
N VAL A 288 -3.54 -8.52 -6.72
N VAL A 288 -3.53 -8.51 -6.67
CA VAL A 288 -3.07 -8.25 -8.09
CA VAL A 288 -3.03 -8.14 -7.98
C VAL A 288 -1.70 -8.87 -8.36
C VAL A 288 -1.69 -8.83 -8.27
N SER A 289 -0.81 -8.84 -7.37
N SER A 289 -0.78 -8.80 -7.30
CA SER A 289 0.52 -9.43 -7.53
CA SER A 289 0.53 -9.44 -7.46
C SER A 289 0.44 -10.95 -7.66
C SER A 289 0.44 -10.95 -7.65
N ILE A 290 -0.49 -11.57 -6.93
CA ILE A 290 -0.69 -13.01 -7.04
C ILE A 290 -1.08 -13.33 -8.48
N ALA A 291 -2.04 -12.59 -9.03
CA ALA A 291 -2.54 -12.87 -10.36
C ALA A 291 -1.46 -12.65 -11.42
N LEU A 292 -0.64 -11.62 -11.21
CA LEU A 292 0.44 -11.33 -12.13
C LEU A 292 1.48 -12.44 -12.08
N GLU A 293 1.83 -12.90 -10.88
CA GLU A 293 2.80 -14.00 -10.75
C GLU A 293 2.29 -15.34 -11.28
N ASN A 294 0.98 -15.59 -11.15
CA ASN A 294 0.38 -16.82 -11.65
C ASN A 294 0.44 -16.94 -13.18
N CYS A 295 0.76 -15.85 -13.85
CA CYS A 295 0.91 -15.88 -15.31
C CYS A 295 2.15 -16.63 -15.76
N VAL A 296 3.19 -16.58 -14.92
CA VAL A 296 4.50 -17.07 -15.36
C VAL A 296 4.60 -18.58 -15.19
N LEU A 297 3.82 -19.31 -16.00
CA LEU A 297 3.79 -20.77 -15.92
C LEU A 297 4.86 -21.42 -16.80
N TRP A 298 5.35 -22.58 -16.38
CA TRP A 298 6.40 -23.28 -17.10
C TRP A 298 5.87 -24.01 -18.29
N HIS A 299 6.45 -23.75 -19.46
CA HIS A 299 6.09 -24.43 -20.67
C HIS A 299 4.61 -24.49 -20.88
N GLU A 300 4.11 -25.66 -21.26
N GLU A 300 4.09 -25.68 -21.15
CA GLU A 300 2.70 -25.81 -21.56
CA GLU A 300 2.68 -25.84 -21.51
C GLU A 300 1.83 -25.55 -20.33
C GLU A 300 1.80 -25.85 -20.28
N ARG A 301 2.24 -26.09 -19.18
N ARG A 301 2.41 -25.61 -19.12
CA ARG A 301 1.64 -25.70 -17.91
CA ARG A 301 1.67 -25.44 -17.87
C ARG A 301 2.45 -26.10 -16.69
C ARG A 301 2.36 -26.03 -16.65
N ASP A 302 2.19 -25.41 -15.59
N ASP A 302 2.17 -25.33 -15.54
CA ASP A 302 2.52 -25.88 -14.25
CA ASP A 302 2.54 -25.80 -14.22
C ASP A 302 1.33 -25.51 -13.36
C ASP A 302 1.39 -25.43 -13.29
N ILE A 303 1.13 -26.26 -12.29
CA ILE A 303 -0.10 -26.17 -11.51
C ILE A 303 -0.03 -25.20 -10.32
N SER A 304 1.07 -24.46 -10.23
CA SER A 304 1.31 -23.62 -9.06
C SER A 304 0.21 -22.59 -8.86
N HIS A 305 -0.39 -22.13 -9.96
CA HIS A 305 -1.44 -21.12 -9.91
C HIS A 305 -2.68 -21.69 -9.23
N SER A 306 -2.82 -23.01 -9.23
CA SER A 306 -4.05 -23.66 -8.80
C SER A 306 -4.34 -23.42 -7.32
N SER A 307 -3.39 -23.72 -6.45
CA SER A 307 -3.63 -23.56 -5.02
C SER A 307 -3.87 -22.10 -4.68
N ALA A 308 -3.14 -21.18 -5.33
CA ALA A 308 -3.30 -19.77 -5.06
C ALA A 308 -4.69 -19.33 -5.50
N GLU A 309 -5.10 -19.72 -6.69
CA GLU A 309 -6.44 -19.41 -7.18
C GLU A 309 -7.56 -19.92 -6.28
N ARG A 310 -7.35 -21.08 -5.66
CA ARG A 310 -8.36 -21.66 -4.76
C ARG A 310 -8.62 -20.74 -3.58
N PHE A 311 -7.59 -20.02 -3.14
CA PHE A 311 -7.74 -19.07 -2.04
C PHE A 311 -8.30 -17.74 -2.52
N TYR A 312 -7.60 -17.09 -3.44
CA TYR A 312 -7.82 -15.64 -3.65
C TYR A 312 -9.02 -15.34 -4.55
N LEU A 313 -9.38 -16.24 -5.46
CA LEU A 313 -10.47 -15.92 -6.36
C LEU A 313 -11.82 -15.85 -5.65
N PRO A 314 -12.17 -16.87 -4.83
CA PRO A 314 -13.44 -16.74 -4.11
C PRO A 314 -13.41 -15.56 -3.17
N ASP A 315 -12.24 -15.26 -2.60
CA ASP A 315 -12.13 -14.12 -1.69
C ASP A 315 -12.26 -12.80 -2.43
N ASN A 316 -11.66 -12.74 -3.61
CA ASN A 316 -11.67 -11.52 -4.39
C ASN A 316 -13.11 -11.17 -4.75
N PHE A 317 -13.86 -12.12 -5.32
CA PHE A 317 -15.24 -11.82 -5.66
C PHE A 317 -16.13 -11.58 -4.45
N GLY A 318 -15.94 -12.37 -3.41
CA GLY A 318 -16.72 -12.21 -2.18
C GLY A 318 -16.50 -10.86 -1.52
N ILE A 319 -15.25 -10.45 -1.42
CA ILE A 319 -14.94 -9.14 -0.82
C ILE A 319 -15.44 -8.02 -1.73
N MET A 320 -15.23 -8.17 -3.04
CA MET A 320 -15.68 -7.13 -3.97
C MET A 320 -17.20 -6.90 -3.88
N VAL A 321 -17.99 -7.97 -3.90
CA VAL A 321 -19.44 -7.82 -3.81
C VAL A 321 -19.86 -7.27 -2.45
N TYR A 322 -19.25 -7.78 -1.38
CA TYR A 322 -19.54 -7.30 -0.04
C TYR A 322 -19.26 -5.81 0.05
N ALA A 323 -18.08 -5.42 -0.43
CA ALA A 323 -17.64 -4.03 -0.29
C ALA A 323 -18.52 -3.07 -1.11
N LEU A 324 -18.84 -3.44 -2.35
CA LEU A 324 -19.69 -2.55 -3.16
C LEU A 324 -21.09 -2.37 -2.56
N ARG A 325 -21.65 -3.43 -2.00
CA ARG A 325 -22.96 -3.33 -1.36
C ARG A 325 -22.91 -2.52 -0.09
N ARG A 326 -21.86 -2.73 0.71
CA ARG A 326 -21.72 -1.96 1.95
C ARG A 326 -21.47 -0.48 1.67
N MET A 327 -20.63 -0.19 0.66
CA MET A 327 -20.39 1.21 0.31
C MET A 327 -21.67 1.88 -0.19
N LYS A 328 -22.47 1.17 -0.97
CA LYS A 328 -23.73 1.74 -1.46
C LYS A 328 -24.63 2.09 -0.29
N ASN A 329 -24.80 1.16 0.64
CA ASN A 329 -25.68 1.42 1.80
C ASN A 329 -25.15 2.60 2.64
N THR A 330 -23.84 2.67 2.78
CA THR A 330 -23.22 3.75 3.55
C THR A 330 -23.45 5.13 2.90
N ILE A 331 -23.32 5.19 1.57
CA ILE A 331 -23.58 6.41 0.83
C ILE A 331 -25.05 6.83 0.94
N ASP A 332 -25.94 5.86 0.75
CA ASP A 332 -27.38 6.11 0.88
C ASP A 332 -27.75 6.66 2.25
N ASN A 333 -27.14 6.13 3.29
CA ASN A 333 -27.54 6.46 4.65
C ASN A 333 -26.71 7.57 5.28
N LEU A 334 -25.70 8.05 4.54
CA LEU A 334 -24.82 9.08 5.04
C LEU A 334 -25.64 10.33 5.34
N VAL A 335 -25.37 10.95 6.49
CA VAL A 335 -26.01 12.21 6.84
C VAL A 335 -25.08 13.36 6.51
N VAL A 336 -25.57 14.29 5.68
CA VAL A 336 -24.76 15.43 5.25
C VAL A 336 -25.22 16.65 6.05
N GLN A 337 -24.33 17.22 6.85
CA GLN A 337 -24.73 18.30 7.75
C GLN A 337 -24.54 19.67 7.09
N ARG A 338 -25.57 20.10 6.37
CA ARG A 338 -25.46 21.26 5.48
C ARG A 338 -25.01 22.54 6.17
N ASP A 339 -25.58 22.83 7.33
CA ASP A 339 -25.27 24.09 8.00
C ASP A 339 -23.82 24.13 8.46
N ILE A 340 -23.31 22.99 8.95
CA ILE A 340 -21.92 22.92 9.37
C ILE A 340 -20.99 23.15 8.17
N ILE A 341 -21.31 22.49 7.06
CA ILE A 341 -20.56 22.62 5.82
C ILE A 341 -20.51 24.08 5.33
N GLU A 342 -21.67 24.72 5.29
CA GLU A 342 -21.75 26.06 4.73
C GLU A 342 -21.26 27.15 5.69
N ASP A 343 -21.47 26.95 6.99
CA ASP A 343 -20.94 27.90 7.97
C ASP A 343 -19.42 27.97 7.89
N ARG A 344 -18.80 26.84 7.58
CA ARG A 344 -17.34 26.80 7.44
C ARG A 344 -16.89 27.71 6.29
N VAL A 345 -17.65 27.73 5.20
CA VAL A 345 -17.39 28.67 4.11
C VAL A 345 -17.54 30.11 4.60
N ARG A 346 -18.64 30.38 5.31
CA ARG A 346 -18.89 31.69 5.89
C ARG A 346 -17.76 32.12 6.82
N SER A 347 -17.17 31.17 7.53
CA SER A 347 -16.17 31.48 8.54
C SER A 347 -14.80 31.84 7.95
N THR A 348 -14.62 31.60 6.66
CA THR A 348 -13.34 31.87 6.03
C THR A 348 -13.45 32.87 4.88
N SER A 349 -12.57 33.88 4.88
CA SER A 349 -12.55 34.86 3.80
C SER A 349 -11.22 35.00 3.02
N ALA A 350 -10.24 34.16 3.34
CA ALA A 350 -8.88 34.33 2.79
C ALA A 350 -8.81 34.21 1.26
N TYR A 351 -9.54 33.23 0.72
CA TYR A 351 -9.59 32.95 -0.72
C TYR A 351 -9.98 34.17 -1.58
N LEU A 352 -10.61 35.17 -0.96
CA LEU A 352 -11.13 36.30 -1.70
C LEU A 352 -10.05 37.21 -2.26
N SER A 353 -8.87 37.22 -1.61
CA SER A 353 -7.76 38.06 -2.05
C SER A 353 -7.39 37.73 -3.49
N SER A 354 -7.28 36.43 -3.78
CA SER A 354 -6.98 35.95 -5.13
C SER A 354 -8.08 36.29 -6.13
N PHE A 355 -9.33 36.26 -5.67
CA PHE A 355 -10.46 36.62 -6.53
C PHE A 355 -10.33 38.08 -6.99
N TYR A 356 -10.21 38.98 -6.01
CA TYR A 356 -10.10 40.41 -6.30
C TYR A 356 -8.85 40.73 -7.10
N LEU A 357 -7.76 40.04 -6.78
CA LEU A 357 -6.49 40.24 -7.46
C LEU A 357 -6.66 39.94 -8.94
N HIS A 358 -7.27 38.78 -9.21
CA HIS A 358 -7.58 38.39 -10.57
C HIS A 358 -8.55 39.35 -11.24
N PHE A 359 -9.62 39.71 -10.53
CA PHE A 359 -10.59 40.65 -11.07
C PHE A 359 -9.93 41.94 -11.56
N LEU A 360 -9.05 42.50 -10.74
CA LEU A 360 -8.33 43.73 -11.10
C LEU A 360 -7.41 43.52 -12.29
N VAL A 361 -6.64 42.43 -12.25
CA VAL A 361 -5.73 42.10 -13.34
C VAL A 361 -6.51 42.00 -14.66
N ALA A 362 -7.67 41.37 -14.60
CA ALA A 362 -8.50 41.17 -15.78
C ALA A 362 -9.25 42.41 -16.28
N ASN A 363 -9.69 43.28 -15.37
CA ASN A 363 -10.53 44.41 -15.76
C ASN A 363 -9.87 45.80 -15.69
N THR A 364 -8.59 45.84 -15.34
CA THR A 364 -7.83 47.09 -15.34
C THR A 364 -6.50 46.89 -16.08
N PRO A 365 -5.81 47.98 -16.45
CA PRO A 365 -4.53 47.76 -17.12
C PRO A 365 -3.34 47.73 -16.15
N PHE A 366 -3.58 47.49 -14.87
CA PHE A 366 -2.48 47.44 -13.90
C PHE A 366 -1.87 46.04 -13.87
N MET A 367 -0.69 45.92 -13.24
CA MET A 367 -0.01 44.63 -13.17
C MET A 367 -0.21 43.95 -11.80
N ARG A 368 0.24 42.70 -11.70
CA ARG A 368 0.03 41.89 -10.50
C ARG A 368 0.38 42.59 -9.19
N GLU A 369 1.66 42.91 -8.98
CA GLU A 369 2.08 43.54 -7.73
C GLU A 369 1.26 44.80 -7.44
N ASP A 370 0.99 45.59 -8.48
CA ASP A 370 0.13 46.76 -8.35
C ASP A 370 -1.28 46.39 -7.91
N CYS A 371 -1.92 45.47 -8.64
CA CYS A 371 -3.23 44.98 -8.23
C CYS A 371 -3.12 44.32 -6.86
N TYR A 372 -2.05 43.56 -6.65
CA TYR A 372 -1.77 42.89 -5.39
C TYR A 372 -1.68 43.90 -4.25
N LYS A 373 -0.80 44.88 -4.40
CA LYS A 373 -0.54 45.85 -3.35
C LYS A 373 -1.80 46.56 -2.91
N ILE A 374 -2.74 46.74 -3.83
CA ILE A 374 -4.01 47.36 -3.54
C ILE A 374 -4.88 46.45 -2.67
N VAL A 375 -5.21 45.29 -3.21
CA VAL A 375 -6.01 44.31 -2.47
C VAL A 375 -5.34 44.03 -1.12
N GLN A 376 -4.01 43.96 -1.14
CA GLN A 376 -3.25 43.74 0.09
C GLN A 376 -3.45 44.89 1.08
N GLN A 377 -3.47 46.11 0.55
CA GLN A 377 -3.65 47.30 1.38
C GLN A 377 -5.02 47.30 2.06
N VAL A 378 -6.05 46.90 1.33
CA VAL A 378 -7.40 46.89 1.86
C VAL A 378 -7.61 45.73 2.85
N GLU A 386 -18.46 44.95 6.62
CA GLU A 386 -17.88 45.80 5.59
C GLU A 386 -17.62 45.05 4.28
N SER A 387 -18.14 45.59 3.18
CA SER A 387 -18.00 44.96 1.87
C SER A 387 -16.61 45.16 1.26
N PHE A 388 -15.86 44.06 1.15
CA PHE A 388 -14.54 44.07 0.51
C PHE A 388 -14.68 44.69 -0.86
N SER A 389 -15.72 44.31 -1.58
CA SER A 389 -15.99 44.85 -2.92
C SER A 389 -16.18 46.36 -2.90
N LYS A 390 -17.08 46.84 -2.05
CA LYS A 390 -17.36 48.27 -1.94
C LYS A 390 -16.11 49.12 -1.76
N LYS A 391 -15.40 48.93 -0.64
CA LYS A 391 -14.21 49.73 -0.35
C LYS A 391 -13.16 49.60 -1.45
N LEU A 392 -13.05 48.42 -2.04
CA LEU A 392 -12.13 48.19 -3.15
C LEU A 392 -12.51 49.04 -4.37
N GLN A 393 -13.79 48.99 -4.73
CA GLN A 393 -14.31 49.74 -5.88
C GLN A 393 -14.28 51.24 -5.61
N LYS A 394 -14.44 51.61 -4.35
CA LYS A 394 -14.32 53.00 -3.92
C LYS A 394 -12.88 53.49 -4.14
N VAL A 395 -11.92 52.64 -3.80
CA VAL A 395 -10.51 53.01 -3.87
C VAL A 395 -10.08 53.32 -5.30
N MET A 396 -10.52 52.51 -6.25
CA MET A 396 -10.16 52.74 -7.65
C MET A 396 -10.72 54.06 -8.13
N HIS A 397 -12.00 54.32 -7.87
CA HIS A 397 -12.58 55.56 -8.31
C HIS A 397 -11.93 56.75 -7.64
N ASP A 398 -11.72 56.64 -6.33
CA ASP A 398 -11.13 57.74 -5.56
C ASP A 398 -9.67 58.06 -5.88
N GLU A 399 -8.84 57.02 -6.03
CA GLU A 399 -7.41 57.24 -6.20
C GLU A 399 -6.89 57.05 -7.63
N HIS A 400 -7.28 55.95 -8.25
CA HIS A 400 -6.79 55.60 -9.57
C HIS A 400 -7.73 56.09 -10.65
N ASN A 401 -8.81 56.71 -10.22
CA ASN A 401 -9.85 57.15 -11.16
C ASN A 401 -10.20 56.09 -12.20
N ILE A 402 -10.57 54.92 -11.71
CA ILE A 402 -11.02 53.83 -12.54
C ILE A 402 -12.38 53.37 -12.01
N ILE A 403 -13.32 53.17 -12.92
CA ILE A 403 -14.67 52.81 -12.54
C ILE A 403 -15.08 51.46 -13.12
N LEU A 404 -15.61 50.59 -12.28
CA LEU A 404 -15.99 49.25 -12.68
C LEU A 404 -16.95 48.60 -11.68
N ASP A 405 -17.74 47.66 -12.17
CA ASP A 405 -18.79 47.04 -11.36
C ASP A 405 -18.27 45.77 -10.67
N ILE A 406 -17.66 45.97 -9.50
CA ILE A 406 -17.11 44.85 -8.73
C ILE A 406 -18.21 44.08 -8.01
N PRO A 407 -18.34 42.80 -8.35
CA PRO A 407 -19.44 41.97 -7.84
C PRO A 407 -19.40 41.80 -6.33
N GLU A 408 -20.56 41.83 -5.69
CA GLU A 408 -20.63 41.63 -4.25
C GLU A 408 -20.19 40.22 -3.90
N MET A 409 -19.39 40.07 -2.87
CA MET A 409 -18.86 38.77 -2.47
C MET A 409 -19.61 38.15 -1.29
N ASP A 410 -20.70 38.77 -0.89
CA ASP A 410 -21.53 38.24 0.17
C ASP A 410 -21.83 36.80 -0.19
N PHE A 411 -22.41 36.06 0.75
CA PHE A 411 -22.48 34.62 0.65
C PHE A 411 -23.16 34.19 -0.64
N GLU A 412 -24.20 34.92 -1.06
CA GLU A 412 -24.90 34.58 -2.29
C GLU A 412 -24.02 34.82 -3.50
N GLY A 413 -23.21 35.88 -3.44
CA GLY A 413 -22.27 36.18 -4.50
C GLY A 413 -21.14 35.18 -4.56
N ILE A 414 -20.72 34.70 -3.39
CA ILE A 414 -19.67 33.69 -3.31
C ILE A 414 -20.13 32.38 -3.95
N LYS A 415 -21.38 32.01 -3.71
CA LYS A 415 -21.96 30.82 -4.33
C LYS A 415 -22.07 30.96 -5.84
N LYS A 416 -22.57 32.10 -6.32
CA LYS A 416 -22.65 32.33 -7.75
C LYS A 416 -21.28 32.26 -8.42
N THR A 417 -20.26 32.73 -7.70
CA THR A 417 -18.90 32.73 -8.21
C THR A 417 -18.26 31.34 -8.27
N TYR A 418 -18.36 30.60 -7.17
CA TYR A 418 -17.61 29.36 -7.07
C TYR A 418 -18.37 28.10 -7.51
N LEU A 419 -19.65 28.28 -7.85
CA LEU A 419 -20.45 27.17 -8.37
C LEU A 419 -20.93 27.48 -9.79
N LYS A 420 -20.23 28.42 -10.43
CA LYS A 420 -20.59 28.95 -11.75
C LYS A 420 -20.74 27.86 -12.81
N GLU A 421 -19.84 26.89 -12.82
CA GLU A 421 -19.80 25.90 -13.88
C GLU A 421 -20.34 24.53 -13.46
N ILE A 422 -20.99 24.47 -12.30
CA ILE A 422 -21.40 23.18 -11.75
C ILE A 422 -22.38 22.42 -12.67
N ASP A 423 -23.29 23.13 -13.31
CA ASP A 423 -24.23 22.47 -14.22
C ASP A 423 -23.50 21.80 -15.39
N HIS A 424 -22.49 22.48 -15.94
N HIS A 424 -22.49 22.46 -15.96
CA HIS A 424 -21.70 21.91 -17.03
CA HIS A 424 -21.77 21.82 -17.04
C HIS A 424 -20.90 20.69 -16.58
C HIS A 424 -20.90 20.66 -16.58
N VAL A 425 -20.36 20.75 -15.36
CA VAL A 425 -19.56 19.65 -14.82
C VAL A 425 -20.44 18.41 -14.65
N PHE A 426 -21.66 18.60 -14.16
CA PHE A 426 -22.59 17.48 -14.04
C PHE A 426 -23.02 16.98 -15.41
N ASP A 427 -23.34 17.90 -16.32
CA ASP A 427 -23.74 17.54 -17.68
C ASP A 427 -22.73 16.63 -18.37
N ARG A 428 -21.46 17.03 -18.36
CA ARG A 428 -20.44 16.27 -19.05
C ARG A 428 -20.11 14.94 -18.37
N SER A 429 -20.41 14.85 -17.08
CA SER A 429 -20.12 13.66 -16.30
C SER A 429 -21.19 12.57 -16.42
N VAL A 430 -22.39 12.99 -16.78
CA VAL A 430 -23.52 12.07 -16.81
C VAL A 430 -24.02 11.89 -18.23
N LYS A 431 -24.15 10.65 -18.69
CA LYS A 431 -24.61 10.41 -20.05
C LYS A 431 -26.01 10.97 -20.36
N ALA A 432 -26.92 10.89 -19.39
CA ALA A 432 -28.31 11.32 -19.59
C ALA A 432 -28.43 12.85 -19.72
N ARG A 433 -27.54 13.59 -19.06
CA ARG A 433 -27.49 15.04 -19.21
C ARG A 433 -26.15 15.49 -19.81
N MET B 1 17.49 7.07 -9.38
CA MET B 1 17.67 8.27 -8.58
C MET B 1 17.60 9.49 -9.48
N ILE B 2 17.07 10.58 -8.94
CA ILE B 2 17.05 11.82 -9.70
C ILE B 2 17.73 12.92 -8.91
N LYS B 3 18.19 13.94 -9.62
CA LYS B 3 18.94 15.03 -9.05
C LYS B 3 18.19 15.71 -7.88
N ARG B 4 16.89 15.89 -8.02
CA ARG B 4 16.07 16.58 -7.02
C ARG B 4 16.23 16.01 -5.60
N TYR B 5 16.41 14.69 -5.48
CA TYR B 5 16.51 14.05 -4.17
C TYR B 5 17.86 13.38 -3.92
N ASP B 6 18.85 13.68 -4.73
CA ASP B 6 20.11 12.95 -4.70
C ASP B 6 20.98 13.43 -3.52
N VAL B 7 21.28 12.52 -2.61
CA VAL B 7 22.21 12.82 -1.53
C VAL B 7 23.59 12.40 -2.01
N ALA B 8 24.47 13.37 -2.16
CA ALA B 8 25.75 13.16 -2.85
C ALA B 8 26.56 11.98 -2.35
N GLU B 9 26.69 11.85 -1.04
CA GLU B 9 27.57 10.82 -0.49
C GLU B 9 26.99 9.42 -0.67
N ILE B 10 25.67 9.33 -0.80
CA ILE B 10 25.07 8.01 -1.05
C ILE B 10 25.20 7.62 -2.52
N SER B 11 24.91 8.55 -3.44
CA SER B 11 25.01 8.18 -4.84
C SER B 11 26.47 7.90 -5.23
N LYS B 12 27.40 8.55 -4.52
CA LYS B 12 28.83 8.34 -4.77
C LYS B 12 29.22 6.89 -4.48
N ILE B 13 28.62 6.31 -3.44
CA ILE B 13 28.91 4.93 -3.08
C ILE B 13 28.51 3.99 -4.21
N TRP B 14 27.37 4.28 -4.84
CA TRP B 14 26.85 3.44 -5.91
C TRP B 14 27.30 3.85 -7.29
N ALA B 15 28.07 4.92 -7.38
CA ALA B 15 28.60 5.39 -8.66
C ALA B 15 29.64 4.41 -9.21
N ASP B 16 29.77 4.34 -10.53
CA ASP B 16 30.69 3.37 -11.13
C ASP B 16 32.08 3.40 -10.50
N GLU B 17 32.57 4.58 -10.15
CA GLU B 17 33.94 4.65 -9.61
C GLU B 17 34.12 3.87 -8.32
N ASN B 18 33.18 4.03 -7.38
CA ASN B 18 33.27 3.29 -6.14
C ASN B 18 32.92 1.81 -6.31
N LYS B 19 32.01 1.52 -7.24
CA LYS B 19 31.68 0.14 -7.54
C LYS B 19 32.94 -0.63 -7.92
N TYR B 20 33.75 -0.06 -8.81
CA TYR B 20 34.99 -0.70 -9.23
C TYR B 20 36.07 -0.64 -8.16
N ALA B 21 36.09 0.44 -7.37
CA ALA B 21 37.09 0.53 -6.29
C ALA B 21 36.85 -0.59 -5.26
N LYS B 22 35.59 -0.90 -4.99
CA LYS B 22 35.29 -1.98 -4.05
C LYS B 22 35.61 -3.34 -4.67
N MET B 23 35.35 -3.49 -5.97
CA MET B 23 35.74 -4.71 -6.67
C MET B 23 37.25 -4.93 -6.59
N LEU B 24 37.99 -3.84 -6.73
CA LEU B 24 39.45 -3.91 -6.66
C LEU B 24 39.90 -4.34 -5.26
N GLU B 25 39.28 -3.79 -4.22
CA GLU B 25 39.63 -4.14 -2.85
C GLU B 25 39.40 -5.63 -2.59
N VAL B 26 38.27 -6.14 -3.10
CA VAL B 26 37.96 -7.57 -2.99
C VAL B 26 38.94 -8.45 -3.76
N GLU B 27 39.27 -8.06 -5.00
CA GLU B 27 40.26 -8.80 -5.78
C GLU B 27 41.60 -8.87 -5.06
N LEU B 28 41.97 -7.78 -4.40
CA LEU B 28 43.28 -7.71 -3.76
C LEU B 28 43.29 -8.46 -2.43
N ALA B 29 42.11 -8.59 -1.83
CA ALA B 29 41.99 -9.37 -0.60
C ALA B 29 42.28 -10.85 -0.85
N ILE B 30 41.64 -11.42 -1.88
CA ILE B 30 41.90 -12.82 -2.21
C ILE B 30 43.32 -12.99 -2.78
N LEU B 31 43.80 -12.00 -3.53
CA LEU B 31 45.14 -12.09 -4.10
C LEU B 31 46.18 -12.13 -2.98
N GLU B 32 45.98 -11.31 -1.96
CA GLU B 32 46.90 -11.27 -0.82
C GLU B 32 46.85 -12.59 -0.05
N ALA B 33 45.65 -13.13 0.12
CA ALA B 33 45.49 -14.44 0.74
C ALA B 33 46.30 -15.49 -0.02
N LEU B 34 46.21 -15.44 -1.34
CA LEU B 34 46.85 -16.44 -2.17
C LEU B 34 48.37 -16.32 -2.17
N GLU B 35 48.89 -15.26 -1.56
CA GLU B 35 50.32 -15.10 -1.39
C GLU B 35 50.88 -16.14 -0.42
N ASP B 36 50.00 -16.73 0.38
CA ASP B 36 50.38 -17.84 1.24
C ASP B 36 50.53 -19.13 0.44
N ARG B 37 50.17 -19.08 -0.83
CA ARG B 37 50.34 -20.21 -1.73
C ARG B 37 51.24 -19.85 -2.91
N MET B 38 50.63 -19.61 -4.06
CA MET B 38 51.36 -19.62 -5.32
C MET B 38 51.74 -18.21 -5.78
N VAL B 39 51.16 -17.20 -5.14
CA VAL B 39 51.42 -15.81 -5.53
C VAL B 39 52.63 -15.25 -4.78
N PRO B 40 53.56 -14.66 -5.52
CA PRO B 40 54.76 -14.08 -4.93
C PRO B 40 54.39 -13.04 -3.88
N LYS B 41 55.06 -13.06 -2.72
CA LYS B 41 54.78 -12.10 -1.67
C LYS B 41 54.96 -10.67 -2.19
N GLY B 42 54.04 -9.78 -1.82
CA GLY B 42 54.15 -8.38 -2.22
C GLY B 42 53.30 -8.00 -3.42
N THR B 43 52.75 -8.98 -4.13
CA THR B 43 52.05 -8.72 -5.38
C THR B 43 50.80 -7.85 -5.18
N ALA B 44 49.97 -8.24 -4.22
CA ALA B 44 48.75 -7.47 -3.92
C ALA B 44 49.08 -6.05 -3.49
N ALA B 45 50.12 -5.88 -2.69
CA ALA B 45 50.48 -4.55 -2.21
C ALA B 45 50.98 -3.66 -3.35
N GLU B 46 51.68 -4.28 -4.30
CA GLU B 46 52.19 -3.58 -5.48
C GLU B 46 51.04 -3.02 -6.31
N ILE B 47 50.05 -3.87 -6.58
CA ILE B 47 48.90 -3.46 -7.38
C ILE B 47 48.05 -2.43 -6.63
N ARG B 48 47.88 -2.65 -5.34
CA ARG B 48 47.12 -1.73 -4.49
C ARG B 48 47.67 -0.30 -4.57
N ALA B 49 48.99 -0.17 -4.65
CA ALA B 49 49.62 1.16 -4.62
C ALA B 49 49.55 1.91 -5.95
N ARG B 50 49.28 1.21 -7.04
CA ARG B 50 49.42 1.80 -8.36
C ARG B 50 48.14 1.81 -9.20
N ALA B 51 47.29 0.82 -8.99
CA ALA B 51 46.13 0.62 -9.85
C ALA B 51 45.19 1.82 -9.82
N GLN B 52 44.76 2.24 -11.01
CA GLN B 52 43.80 3.33 -11.12
C GLN B 52 42.42 2.80 -11.50
N ILE B 53 41.39 3.43 -10.99
CA ILE B 53 40.02 3.07 -11.34
C ILE B 53 39.58 3.96 -12.51
N ARG B 54 39.22 3.34 -13.63
CA ARG B 54 38.95 4.08 -14.86
C ARG B 54 37.63 3.68 -15.50
N PRO B 55 36.51 4.19 -14.96
CA PRO B 55 35.19 3.71 -15.37
C PRO B 55 34.98 3.86 -16.88
N GLU B 56 35.51 4.91 -17.47
N GLU B 56 35.54 4.94 -17.42
CA GLU B 56 35.35 5.10 -18.91
CA GLU B 56 35.50 5.24 -18.84
C GLU B 56 36.08 4.04 -19.72
C GLU B 56 36.10 4.12 -19.69
N ARG B 57 37.27 3.65 -19.27
CA ARG B 57 38.01 2.61 -19.96
C ARG B 57 37.28 1.26 -19.85
N VAL B 58 36.69 1.01 -18.69
CA VAL B 58 35.90 -0.20 -18.48
C VAL B 58 34.76 -0.26 -19.49
N ASP B 59 34.10 0.89 -19.69
CA ASP B 59 32.99 0.98 -20.64
C ASP B 59 33.39 0.65 -22.08
N GLU B 60 34.50 1.21 -22.56
CA GLU B 60 34.92 0.91 -23.93
C GLU B 60 35.31 -0.56 -24.11
N ILE B 61 35.96 -1.13 -23.10
CA ILE B 61 36.31 -2.54 -23.12
C ILE B 61 35.05 -3.42 -23.08
N GLU B 62 34.07 -2.99 -22.29
CA GLU B 62 32.84 -3.76 -22.15
C GLU B 62 32.05 -3.83 -23.47
N LYS B 63 32.22 -2.83 -24.32
CA LYS B 63 31.62 -2.86 -25.65
C LYS B 63 32.05 -4.09 -26.46
N VAL B 64 33.28 -4.52 -26.24
CA VAL B 64 33.81 -5.71 -26.92
C VAL B 64 33.43 -6.98 -26.17
N THR B 65 33.73 -7.00 -24.88
CA THR B 65 33.62 -8.23 -24.09
C THR B 65 32.19 -8.71 -23.84
N LYS B 66 31.25 -7.76 -23.75
CA LYS B 66 29.86 -8.05 -23.35
C LYS B 66 29.80 -8.59 -21.92
N HIS B 67 30.85 -8.30 -21.15
CA HIS B 67 30.98 -8.87 -19.82
C HIS B 67 31.70 -7.86 -18.94
N ASP B 68 30.99 -7.30 -17.96
CA ASP B 68 31.54 -6.18 -17.19
C ASP B 68 32.75 -6.51 -16.31
N ILE B 69 32.81 -7.72 -15.76
CA ILE B 69 33.94 -8.10 -14.92
C ILE B 69 35.22 -8.36 -15.71
N ILE B 70 35.08 -9.01 -16.86
CA ILE B 70 36.21 -9.17 -17.77
C ILE B 70 36.74 -7.80 -18.15
N ALA B 71 35.83 -6.87 -18.44
CA ALA B 71 36.21 -5.50 -18.76
C ALA B 71 36.96 -4.81 -17.63
N PHE B 72 36.42 -4.94 -16.41
CA PHE B 72 37.09 -4.40 -15.23
C PHE B 72 38.48 -5.00 -14.99
N CYS B 73 38.56 -6.32 -15.03
CA CYS B 73 39.85 -7.00 -14.84
C CYS B 73 40.87 -6.56 -15.88
N THR B 74 40.43 -6.50 -17.13
CA THR B 74 41.29 -6.05 -18.22
C THR B 74 41.75 -4.61 -17.97
N SER B 75 40.87 -3.77 -17.42
CA SER B 75 41.26 -2.38 -17.18
C SER B 75 42.37 -2.29 -16.12
N ILE B 76 42.36 -3.22 -15.17
CA ILE B 76 43.41 -3.27 -14.14
C ILE B 76 44.70 -3.90 -14.70
N ALA B 77 44.58 -5.10 -15.24
CA ALA B 77 45.71 -5.85 -15.76
C ALA B 77 46.56 -5.08 -16.78
N GLU B 78 45.91 -4.26 -17.60
CA GLU B 78 46.63 -3.55 -18.65
C GLU B 78 47.51 -2.43 -18.10
N GLN B 79 47.41 -2.18 -16.80
CA GLN B 79 48.26 -1.17 -16.15
C GLN B 79 49.55 -1.78 -15.63
N PHE B 80 49.69 -3.10 -15.76
CA PHE B 80 50.84 -3.81 -15.19
C PHE B 80 51.52 -4.76 -16.17
N THR B 81 52.74 -5.19 -15.84
CA THR B 81 53.43 -6.22 -16.60
C THR B 81 52.59 -7.49 -16.61
N ALA B 82 52.79 -8.33 -17.62
CA ALA B 82 52.08 -9.61 -17.70
C ALA B 82 52.36 -10.45 -16.46
N GLU B 83 53.59 -10.34 -15.97
CA GLU B 83 54.01 -11.05 -14.75
C GLU B 83 53.23 -10.62 -13.52
N THR B 84 53.23 -9.32 -13.24
CA THR B 84 52.56 -8.77 -12.06
C THR B 84 51.06 -9.07 -12.05
N GLY B 85 50.42 -9.01 -13.21
CA GLY B 85 48.99 -9.22 -13.27
C GLY B 85 48.61 -10.68 -13.42
N LYS B 86 49.61 -11.57 -13.38
CA LYS B 86 49.37 -12.99 -13.65
C LYS B 86 48.30 -13.66 -12.78
N PHE B 87 48.32 -13.38 -11.48
CA PHE B 87 47.41 -14.05 -10.58
C PHE B 87 46.21 -13.19 -10.21
N PHE B 88 46.05 -12.08 -10.93
CA PHE B 88 44.87 -11.25 -10.72
C PHE B 88 43.65 -12.05 -11.14
N HIS B 89 42.65 -12.07 -10.27
CA HIS B 89 41.41 -12.80 -10.54
C HIS B 89 41.68 -14.30 -10.78
N PHE B 90 42.38 -14.93 -9.84
CA PHE B 90 42.75 -16.32 -9.99
C PHE B 90 41.84 -17.16 -9.10
N GLY B 91 41.23 -18.20 -9.67
CA GLY B 91 40.43 -19.14 -8.91
C GLY B 91 39.02 -18.69 -8.58
N VAL B 92 38.80 -17.38 -8.48
CA VAL B 92 37.48 -16.84 -8.19
C VAL B 92 36.55 -16.92 -9.39
N THR B 93 35.25 -16.89 -9.13
CA THR B 93 34.26 -16.66 -10.18
C THR B 93 33.92 -15.16 -10.15
N SER B 94 33.42 -14.59 -11.24
CA SER B 94 33.09 -13.16 -11.26
C SER B 94 32.25 -12.74 -10.05
N SER B 95 31.27 -13.56 -9.69
CA SER B 95 30.37 -13.13 -8.61
C SER B 95 30.97 -13.25 -7.20
N ASP B 96 32.08 -13.97 -7.04
CA ASP B 96 32.81 -13.90 -5.77
C ASP B 96 33.22 -12.45 -5.59
N ILE B 97 33.62 -11.81 -6.67
CA ILE B 97 34.07 -10.43 -6.60
C ILE B 97 32.89 -9.47 -6.51
N ILE B 98 31.92 -9.64 -7.40
CA ILE B 98 30.77 -8.73 -7.45
C ILE B 98 30.00 -8.70 -6.14
N ASP B 99 29.66 -9.88 -5.63
CA ASP B 99 28.81 -9.96 -4.46
C ASP B 99 29.54 -9.53 -3.19
N SER B 100 30.83 -9.86 -3.10
CA SER B 100 31.61 -9.44 -1.95
C SER B 100 31.79 -7.92 -1.95
N ALA B 101 32.00 -7.34 -3.13
CA ALA B 101 32.14 -5.90 -3.22
C ALA B 101 30.80 -5.23 -2.96
N LEU B 102 29.73 -5.87 -3.38
CA LEU B 102 28.38 -5.32 -3.15
C LEU B 102 28.12 -5.24 -1.65
N SER B 103 28.60 -6.23 -0.90
CA SER B 103 28.44 -6.19 0.55
C SER B 103 29.14 -4.99 1.15
N LEU B 104 30.29 -4.61 0.58
CA LEU B 104 31.02 -3.45 1.07
C LEU B 104 30.23 -2.16 0.80
N GLN B 105 29.61 -2.07 -0.39
CA GLN B 105 28.76 -0.92 -0.69
C GLN B 105 27.56 -0.85 0.24
N ILE B 106 26.93 -2.00 0.48
CA ILE B 106 25.77 -2.02 1.37
C ILE B 106 26.19 -1.65 2.80
N ARG B 107 27.34 -2.14 3.23
CA ARG B 107 27.85 -1.83 4.55
C ARG B 107 28.04 -0.33 4.74
N ASP B 108 28.65 0.31 3.75
CA ASP B 108 28.91 1.74 3.89
C ASP B 108 27.63 2.56 3.79
N SER B 109 26.67 2.05 3.03
CA SER B 109 25.38 2.70 2.92
C SER B 109 24.61 2.57 4.24
N MET B 110 24.66 1.39 4.85
CA MET B 110 24.02 1.16 6.14
C MET B 110 24.52 2.09 7.23
N SER B 111 25.81 2.42 7.19
CA SER B 111 26.39 3.31 8.19
C SER B 111 25.68 4.65 8.19
N TYR B 112 25.34 5.13 7.00
CA TYR B 112 24.65 6.42 6.88
C TYR B 112 23.18 6.31 7.32
N VAL B 113 22.53 5.21 6.93
CA VAL B 113 21.13 5.00 7.31
C VAL B 113 21.01 4.93 8.83
N ILE B 114 21.91 4.18 9.45
CA ILE B 114 21.88 4.00 10.90
C ILE B 114 22.12 5.32 11.64
N LYS B 115 23.09 6.10 11.17
CA LYS B 115 23.38 7.38 11.78
C LYS B 115 22.16 8.28 11.66
N ASP B 116 21.54 8.30 10.49
CA ASP B 116 20.39 9.16 10.26
C ASP B 116 19.12 8.66 10.96
N LEU B 117 18.95 7.35 11.07
CA LEU B 117 17.81 6.80 11.80
C LEU B 117 17.93 7.13 13.30
N GLU B 118 19.12 6.99 13.87
CA GLU B 118 19.30 7.32 15.27
C GLU B 118 19.08 8.82 15.51
N ALA B 119 19.50 9.65 14.56
CA ALA B 119 19.32 11.09 14.70
C ALA B 119 17.83 11.44 14.66
N LEU B 120 17.05 10.73 13.85
CA LEU B 120 15.61 10.96 13.80
C LEU B 120 14.97 10.55 15.12
N CYS B 121 15.43 9.43 15.68
CA CYS B 121 14.99 9.00 17.01
C CYS B 121 15.27 10.10 18.03
N ASP B 122 16.49 10.62 18.02
CA ASP B 122 16.84 11.71 18.93
C ASP B 122 15.92 12.91 18.81
N SER B 123 15.62 13.33 17.58
CA SER B 123 14.77 14.49 17.36
C SER B 123 13.32 14.25 17.81
N LEU B 124 12.83 13.04 17.58
CA LEU B 124 11.47 12.67 18.02
C LEU B 124 11.34 12.69 19.55
N LEU B 125 12.33 12.17 20.27
CA LEU B 125 12.32 12.20 21.73
C LEU B 125 12.43 13.64 22.25
N THR B 126 13.24 14.44 21.57
CA THR B 126 13.36 15.84 21.92
C THR B 126 12.01 16.51 21.80
N LYS B 127 11.30 16.23 20.71
CA LYS B 127 9.96 16.78 20.54
C LYS B 127 8.98 16.24 21.60
N ALA B 128 9.08 14.95 21.91
CA ALA B 128 8.25 14.35 22.95
C ALA B 128 8.48 14.95 24.34
N GLU B 129 9.73 15.19 24.71
CA GLU B 129 10.00 15.79 26.01
C GLU B 129 9.50 17.22 26.07
N GLU B 130 9.63 17.93 24.95
CA GLU B 130 9.25 19.34 24.87
C GLU B 130 7.74 19.51 25.00
N THR B 131 6.98 18.52 24.53
CA THR B 131 5.52 18.59 24.49
C THR B 131 4.83 17.63 25.46
N LYS B 132 5.61 16.96 26.31
CA LYS B 132 5.08 15.97 27.26
C LYS B 132 3.98 16.56 28.16
N GLU B 133 4.12 17.84 28.48
CA GLU B 133 3.24 18.57 29.40
C GLU B 133 1.92 19.04 28.78
N ILE B 134 1.85 19.03 27.45
CA ILE B 134 0.71 19.59 26.76
C ILE B 134 -0.43 18.57 26.72
N ILE B 135 -1.64 19.01 27.05
CA ILE B 135 -2.78 18.09 27.00
C ILE B 135 -3.54 18.28 25.67
N THR B 136 -3.84 17.16 25.02
CA THR B 136 -4.52 17.18 23.72
C THR B 136 -5.66 16.18 23.72
N MET B 137 -6.56 16.29 22.74
CA MET B 137 -7.62 15.29 22.59
C MET B 137 -7.11 14.09 21.81
N GLY B 138 -7.14 12.91 22.44
CA GLY B 138 -6.92 11.66 21.74
C GLY B 138 -8.10 11.40 20.82
N ARG B 139 -7.86 10.71 19.71
CA ARG B 139 -8.90 10.49 18.71
C ARG B 139 -8.89 9.05 18.22
N SER B 140 -10.05 8.43 18.23
N SER B 140 -10.07 8.45 18.21
CA SER B 140 -10.20 7.09 17.65
CA SER B 140 -10.26 7.10 17.70
C SER B 140 -11.28 7.15 16.60
C SER B 140 -11.30 7.18 16.58
N HIS B 141 -11.00 6.57 15.42
CA HIS B 141 -11.81 6.76 14.23
C HIS B 141 -11.90 8.24 13.84
N GLY B 142 -10.90 9.02 14.23
CA GLY B 142 -10.91 10.46 13.99
C GLY B 142 -11.84 11.25 14.91
N MET B 143 -12.52 10.54 15.80
CA MET B 143 -13.49 11.14 16.70
C MET B 143 -12.88 11.36 18.08
N PHE B 144 -13.27 12.45 18.74
CA PHE B 144 -12.70 12.78 20.04
C PHE B 144 -12.99 11.63 21.01
N ALA B 145 -11.99 11.26 21.79
CA ALA B 145 -12.15 10.21 22.78
C ALA B 145 -11.87 10.73 24.18
N GLU B 146 -10.60 10.72 24.56
CA GLU B 146 -10.17 11.22 25.86
C GLU B 146 -8.89 12.03 25.71
N PRO B 147 -8.68 12.97 26.61
CA PRO B 147 -7.42 13.73 26.63
C PRO B 147 -6.23 12.82 26.86
N MET B 148 -5.05 13.27 26.42
CA MET B 148 -3.83 12.49 26.57
C MET B 148 -2.68 13.47 26.48
N SER B 149 -1.45 13.00 26.69
CA SER B 149 -0.29 13.86 26.50
C SER B 149 0.03 14.00 25.02
N PHE B 150 0.21 15.22 24.54
CA PHE B 150 0.55 15.44 23.12
C PHE B 150 1.90 14.81 22.83
N GLY B 151 2.80 14.87 23.81
CA GLY B 151 4.13 14.30 23.65
C GLY B 151 4.14 12.80 23.40
N GLN B 152 3.08 12.13 23.84
CA GLN B 152 3.00 10.70 23.64
C GLN B 152 2.86 10.37 22.14
N LYS B 153 2.39 11.32 21.35
CA LYS B 153 2.32 11.11 19.90
C LYS B 153 3.73 10.94 19.35
N PHE B 154 4.61 11.85 19.74
CA PHE B 154 6.00 11.77 19.29
C PHE B 154 6.72 10.60 19.93
N LEU B 155 6.39 10.29 21.18
CA LEU B 155 7.07 9.20 21.85
C LEU B 155 6.70 7.85 21.21
N GLY B 156 5.46 7.77 20.73
CA GLY B 156 5.01 6.56 20.04
C GLY B 156 5.75 6.31 18.74
N ALA B 157 6.09 7.40 18.06
CA ALA B 157 6.91 7.29 16.85
C ALA B 157 8.33 6.94 17.26
N TYR B 158 8.82 7.60 18.32
CA TYR B 158 10.16 7.31 18.82
C TYR B 158 10.40 5.83 19.08
N VAL B 159 9.53 5.20 19.86
CA VAL B 159 9.74 3.80 20.20
C VAL B 159 9.67 2.91 18.96
N GLU B 160 8.84 3.28 18.00
CA GLU B 160 8.73 2.47 16.77
C GLU B 160 10.02 2.55 15.96
N PHE B 161 10.52 3.78 15.77
CA PHE B 161 11.79 3.96 15.07
C PHE B 161 12.96 3.32 15.83
N LYS B 162 12.88 3.29 17.16
CA LYS B 162 13.91 2.58 17.94
C LYS B 162 13.84 1.05 17.75
N ARG B 163 12.63 0.53 17.57
CA ARG B 163 12.51 -0.90 17.26
C ARG B 163 13.22 -1.18 15.93
N ARG B 164 13.06 -0.26 14.97
CA ARG B 164 13.71 -0.44 13.67
C ARG B 164 15.22 -0.24 13.79
N LEU B 165 15.64 0.69 14.65
CA LEU B 165 17.07 0.93 14.83
C LEU B 165 17.74 -0.30 15.40
N LYS B 166 17.09 -0.97 16.35
CA LYS B 166 17.65 -2.21 16.87
C LYS B 166 17.73 -3.30 15.78
N ASP B 167 16.70 -3.42 14.96
CA ASP B 167 16.73 -4.38 13.83
C ASP B 167 17.95 -4.11 12.95
N LEU B 168 18.20 -2.85 12.63
CA LEU B 168 19.31 -2.50 11.73
C LEU B 168 20.67 -2.74 12.37
N LYS B 169 20.81 -2.38 13.64
CA LYS B 169 22.06 -2.61 14.34
C LYS B 169 22.31 -4.11 14.50
N ASP B 170 21.25 -4.89 14.67
CA ASP B 170 21.38 -6.35 14.70
C ASP B 170 21.90 -6.87 13.35
N PHE B 171 21.35 -6.34 12.27
CA PHE B 171 21.77 -6.78 10.94
C PHE B 171 23.19 -6.33 10.70
N GLN B 172 23.53 -5.15 11.20
CA GLN B 172 24.90 -4.64 11.06
C GLN B 172 25.91 -5.58 11.73
N LYS B 173 25.53 -6.17 12.87
CA LYS B 173 26.42 -7.09 13.57
C LYS B 173 26.51 -8.42 12.84
N ASP B 174 25.39 -8.88 12.31
N ASP B 174 25.41 -8.80 12.19
CA ASP B 174 25.39 -10.08 11.48
CA ASP B 174 25.24 -10.13 11.59
C ASP B 174 24.26 -10.05 10.47
C ASP B 174 24.21 -10.09 10.45
N GLY B 175 24.67 -9.84 9.23
CA GLY B 175 23.77 -9.78 8.10
C GLY B 175 24.54 -9.91 6.81
N LEU B 176 25.65 -9.20 6.71
CA LEU B 176 26.44 -9.14 5.48
C LEU B 176 27.58 -10.15 5.51
N THR B 177 27.90 -10.72 4.36
CA THR B 177 28.95 -11.72 4.25
C THR B 177 29.76 -11.48 2.98
N VAL B 178 30.84 -12.23 2.83
CA VAL B 178 31.55 -12.27 1.56
C VAL B 178 31.74 -13.73 1.15
N GLN B 179 32.15 -13.96 -0.10
CA GLN B 179 32.41 -15.31 -0.57
C GLN B 179 33.64 -15.35 -1.47
N PHE B 180 34.44 -16.40 -1.33
CA PHE B 180 35.47 -16.69 -2.32
C PHE B 180 35.45 -18.20 -2.52
N SER B 181 34.39 -18.69 -3.17
CA SER B 181 34.14 -20.12 -3.25
C SER B 181 34.25 -20.69 -4.67
N GLY B 182 34.47 -19.81 -5.65
CA GLY B 182 34.62 -20.30 -7.01
C GLY B 182 33.29 -20.52 -7.72
N ALA B 183 33.37 -21.10 -8.92
CA ALA B 183 32.27 -21.16 -9.88
C ALA B 183 30.89 -21.50 -9.33
N VAL B 184 30.78 -22.56 -8.53
CA VAL B 184 29.50 -22.93 -7.94
C VAL B 184 29.60 -23.24 -6.45
N GLY B 185 30.49 -22.52 -5.75
CA GLY B 185 30.62 -22.69 -4.32
C GLY B 185 31.39 -23.95 -3.98
N ASN B 186 32.16 -24.43 -4.94
CA ASN B 186 32.73 -25.77 -4.87
C ASN B 186 34.23 -25.81 -4.61
N TYR B 187 34.88 -24.64 -4.57
CA TYR B 187 36.30 -24.58 -4.25
C TYR B 187 37.16 -25.48 -5.13
N CYS B 188 37.09 -25.30 -6.44
CA CYS B 188 37.95 -26.09 -7.33
C CYS B 188 39.42 -25.67 -7.16
N ILE B 189 39.64 -24.36 -7.18
CA ILE B 189 40.98 -23.82 -7.12
C ILE B 189 41.29 -23.25 -5.73
N LEU B 190 40.35 -22.49 -5.20
CA LEU B 190 40.51 -21.85 -3.89
C LEU B 190 40.27 -22.86 -2.77
N THR B 191 40.67 -22.50 -1.55
CA THR B 191 40.44 -23.34 -0.39
C THR B 191 39.64 -22.51 0.61
N THR B 192 39.00 -23.17 1.58
CA THR B 192 38.27 -22.40 2.60
C THR B 192 39.22 -21.56 3.45
N GLU B 193 40.46 -22.00 3.55
CA GLU B 193 41.49 -21.23 4.25
C GLU B 193 41.79 -19.91 3.52
N ASP B 194 41.90 -19.98 2.19
CA ASP B 194 42.12 -18.75 1.40
C ASP B 194 40.94 -17.81 1.60
N GLU B 195 39.75 -18.36 1.43
CA GLU B 195 38.53 -17.59 1.57
C GLU B 195 38.49 -16.88 2.92
N LYS B 196 38.79 -17.62 3.98
CA LYS B 196 38.75 -17.09 5.34
C LYS B 196 39.77 -15.94 5.55
N LYS B 197 40.98 -16.11 5.03
CA LYS B 197 42.00 -15.06 5.13
C LYS B 197 41.55 -13.79 4.40
N ALA B 198 41.03 -13.98 3.20
CA ALA B 198 40.57 -12.85 2.41
C ALA B 198 39.40 -12.14 3.09
N ALA B 199 38.47 -12.91 3.66
CA ALA B 199 37.35 -12.35 4.39
C ALA B 199 37.81 -11.57 5.62
N ASP B 200 38.82 -12.08 6.31
CA ASP B 200 39.38 -11.39 7.47
C ASP B 200 40.02 -10.05 7.09
N ILE B 201 40.64 -10.01 5.91
CA ILE B 201 41.19 -8.75 5.41
C ILE B 201 40.07 -7.74 5.17
N LEU B 202 38.93 -8.21 4.66
CA LEU B 202 37.81 -7.34 4.36
C LEU B 202 37.02 -6.94 5.60
N GLY B 203 37.05 -7.79 6.63
CA GLY B 203 36.35 -7.52 7.87
C GLY B 203 34.89 -7.94 7.86
N LEU B 204 34.58 -9.00 7.09
CA LEU B 204 33.23 -9.56 7.05
C LEU B 204 33.31 -11.08 7.17
N PRO B 205 32.24 -11.71 7.70
CA PRO B 205 32.24 -13.17 7.85
C PRO B 205 31.98 -13.87 6.51
N VAL B 206 32.36 -15.14 6.44
CA VAL B 206 32.22 -15.95 5.23
C VAL B 206 30.79 -16.53 5.14
N GLU B 207 30.22 -16.50 3.94
CA GLU B 207 28.90 -17.09 3.72
C GLU B 207 28.96 -18.59 3.99
N GLU B 208 28.03 -19.10 4.80
CA GLU B 208 28.04 -20.50 5.22
C GLU B 208 27.95 -21.44 4.03
N VAL B 209 26.87 -21.31 3.27
N VAL B 209 26.86 -21.32 3.27
CA VAL B 209 26.75 -22.02 2.02
CA VAL B 209 26.77 -21.96 1.97
C VAL B 209 26.60 -21.01 0.90
C VAL B 209 26.57 -20.92 0.87
N SER B 210 27.50 -21.08 -0.07
N SER B 210 27.62 -20.72 0.07
CA SER B 210 27.47 -20.17 -1.18
CA SER B 210 27.52 -19.91 -1.13
C SER B 210 27.49 -20.96 -2.47
C SER B 210 27.36 -20.79 -2.37
N THR B 211 26.79 -20.46 -3.47
N THR B 211 26.84 -20.21 -3.44
CA THR B 211 26.81 -21.04 -4.80
CA THR B 211 26.80 -20.89 -4.72
C THR B 211 27.77 -20.18 -5.59
C THR B 211 27.85 -20.27 -5.64
N GLN B 212 27.41 -19.90 -6.83
CA GLN B 212 28.16 -18.91 -7.59
C GLN B 212 27.99 -17.59 -6.85
N VAL B 213 26.80 -17.39 -6.28
CA VAL B 213 26.43 -16.13 -5.67
C VAL B 213 26.25 -16.26 -4.16
N ILE B 214 26.22 -15.13 -3.48
CA ILE B 214 25.75 -15.07 -2.10
C ILE B 214 24.22 -15.08 -2.17
N PRO B 215 23.56 -15.87 -1.29
CA PRO B 215 22.09 -15.97 -1.42
C PRO B 215 21.39 -14.64 -1.17
N ARG B 216 20.32 -14.39 -1.91
CA ARG B 216 19.72 -13.06 -1.93
C ARG B 216 18.80 -12.76 -0.77
N ASP B 217 18.61 -13.72 0.14
CA ASP B 217 17.73 -13.49 1.30
C ASP B 217 18.34 -12.56 2.33
N ARG B 218 19.66 -12.37 2.27
CA ARG B 218 20.31 -11.42 3.17
C ARG B 218 19.91 -10.02 2.75
N ILE B 219 20.05 -9.73 1.46
CA ILE B 219 19.59 -8.45 0.94
C ILE B 219 18.10 -8.28 1.19
N ALA B 220 17.32 -9.33 0.97
CA ALA B 220 15.87 -9.23 1.14
C ALA B 220 15.51 -8.93 2.60
N LYS B 221 16.29 -9.48 3.53
CA LYS B 221 16.01 -9.23 4.93
C LYS B 221 16.19 -7.76 5.26
N LEU B 222 17.29 -7.17 4.78
CA LEU B 222 17.57 -5.76 5.01
C LEU B 222 16.51 -4.87 4.37
N ILE B 223 16.15 -5.17 3.13
CA ILE B 223 15.13 -4.42 2.42
C ILE B 223 13.77 -4.54 3.14
N SER B 224 13.49 -5.70 3.73
CA SER B 224 12.29 -5.87 4.54
C SER B 224 12.29 -4.98 5.78
N ILE B 225 13.44 -4.83 6.42
CA ILE B 225 13.55 -3.88 7.52
C ILE B 225 13.29 -2.46 7.02
N HIS B 226 13.83 -2.12 5.85
CA HIS B 226 13.63 -0.79 5.30
C HIS B 226 12.14 -0.57 4.99
N GLY B 227 11.44 -1.64 4.60
CA GLY B 227 10.00 -1.57 4.36
C GLY B 227 9.22 -1.23 5.63
N LEU B 228 9.66 -1.79 6.74
CA LEU B 228 9.02 -1.53 8.04
C LEU B 228 9.30 -0.09 8.48
N ILE B 229 10.51 0.39 8.20
CA ILE B 229 10.84 1.79 8.46
C ILE B 229 9.92 2.70 7.63
N ALA B 230 9.66 2.28 6.39
CA ALA B 230 8.80 3.07 5.51
C ALA B 230 7.40 3.22 6.09
N SER B 231 6.88 2.17 6.71
CA SER B 231 5.60 2.26 7.41
C SER B 231 5.65 3.21 8.59
N ALA B 232 6.77 3.22 9.30
CA ALA B 232 6.96 4.14 10.42
C ALA B 232 7.00 5.59 9.91
N ILE B 233 7.71 5.81 8.81
CA ILE B 233 7.79 7.14 8.20
C ILE B 233 6.38 7.58 7.78
N GLU B 234 5.62 6.67 7.19
CA GLU B 234 4.31 7.04 6.68
C GLU B 234 3.33 7.31 7.82
N ARG B 235 3.40 6.50 8.86
CA ARG B 235 2.49 6.69 10.00
C ARG B 235 2.73 8.03 10.63
N LEU B 236 3.99 8.41 10.81
CA LEU B 236 4.32 9.70 11.42
C LEU B 236 3.96 10.84 10.48
N ALA B 237 4.19 10.66 9.19
CA ALA B 237 3.90 11.71 8.21
C ALA B 237 2.39 11.99 8.21
N VAL B 238 1.59 10.93 8.24
CA VAL B 238 0.15 11.06 8.20
C VAL B 238 -0.37 11.74 9.47
N GLU B 239 0.22 11.41 10.60
CA GLU B 239 -0.12 12.08 11.85
C GLU B 239 0.10 13.59 11.73
N ILE B 240 1.26 13.99 11.21
CA ILE B 240 1.51 15.41 11.08
C ILE B 240 0.54 16.05 10.08
N ARG B 241 0.26 15.36 8.97
CA ARG B 241 -0.65 15.90 7.96
C ARG B 241 -2.06 16.13 8.50
N HIS B 242 -2.51 15.19 9.34
CA HIS B 242 -3.80 15.33 10.02
C HIS B 242 -3.83 16.55 10.94
N LEU B 243 -2.78 16.69 11.76
CA LEU B 243 -2.73 17.77 12.73
C LEU B 243 -2.53 19.13 12.05
N HIS B 244 -2.04 19.12 10.82
CA HIS B 244 -1.71 20.33 10.08
C HIS B 244 -2.94 20.89 9.34
N ARG B 245 -3.97 20.05 9.13
CA ARG B 245 -5.10 20.49 8.31
C ARG B 245 -5.83 21.69 8.91
N SER B 246 -6.44 22.52 8.06
CA SER B 246 -7.08 23.76 8.51
C SER B 246 -8.07 23.55 9.64
N ASP B 247 -8.81 22.45 9.57
CA ASP B 247 -9.81 22.12 10.58
C ASP B 247 -9.21 21.87 11.96
N VAL B 248 -8.07 21.21 12.01
CA VAL B 248 -7.42 20.94 13.30
C VAL B 248 -6.37 21.98 13.66
N PHE B 249 -5.44 22.22 12.74
CA PHE B 249 -4.46 23.29 12.89
C PHE B 249 -3.69 23.28 14.21
N GLU B 250 -3.26 22.10 14.66
CA GLU B 250 -2.54 22.02 15.93
C GLU B 250 -1.03 22.16 15.74
N VAL B 251 -0.55 21.91 14.52
CA VAL B 251 0.86 22.14 14.20
C VAL B 251 0.98 22.74 12.80
N TYR B 252 2.13 23.30 12.47
CA TYR B 252 2.45 23.59 11.08
C TYR B 252 3.93 23.37 10.82
N GLU B 253 4.28 22.99 9.59
CA GLU B 253 5.69 22.83 9.21
C GLU B 253 6.35 24.19 9.19
N GLY B 254 7.52 24.28 9.84
CA GLY B 254 8.20 25.56 9.98
C GLY B 254 8.91 25.97 8.69
N PHE B 255 9.38 27.21 8.65
CA PHE B 255 10.10 27.69 7.48
C PHE B 255 11.38 28.42 7.89
N LYS B 268 0.64 28.92 1.84
CA LYS B 268 1.91 29.19 2.50
C LYS B 268 2.20 28.19 3.61
N LYS B 269 1.23 27.97 4.50
CA LYS B 269 1.37 26.89 5.47
C LYS B 269 0.63 25.65 4.95
N ASN B 270 1.51 24.69 4.69
N ASN B 270 1.36 24.73 4.68
CA ASN B 270 1.13 23.38 4.16
CA ASN B 270 0.84 23.37 4.60
C ASN B 270 2.01 22.27 4.72
C ASN B 270 1.92 22.30 4.70
N PRO B 271 1.48 21.05 4.76
CA PRO B 271 2.39 19.96 5.15
C PRO B 271 3.08 19.37 3.93
N ILE B 272 3.76 20.18 3.13
CA ILE B 272 4.36 19.69 1.91
C ILE B 272 5.48 18.69 2.16
N SER B 273 6.19 18.82 3.28
CA SER B 273 7.28 17.89 3.57
C SER B 273 6.78 16.49 3.91
N THR B 274 5.80 16.41 4.80
CA THR B 274 5.29 15.10 5.19
C THR B 274 4.54 14.45 4.02
N GLU B 275 4.02 15.25 3.11
CA GLU B 275 3.41 14.68 1.90
C GLU B 275 4.48 14.08 0.99
N ASN B 276 5.54 14.85 0.76
CA ASN B 276 6.71 14.32 0.06
C ASN B 276 7.21 13.00 0.66
N LEU B 277 7.27 12.94 1.98
CA LEU B 277 7.81 11.75 2.65
C LEU B 277 6.85 10.57 2.56
N THR B 278 5.57 10.85 2.39
CA THR B 278 4.61 9.77 2.18
C THR B 278 4.91 9.11 0.83
N GLY B 279 5.25 9.94 -0.15
CA GLY B 279 5.65 9.43 -1.46
C GLY B 279 6.90 8.59 -1.35
N MET B 280 7.85 9.05 -0.54
CA MET B 280 9.09 8.31 -0.36
C MET B 280 8.81 6.95 0.26
N ALA B 281 7.89 6.91 1.21
CA ALA B 281 7.53 5.65 1.85
C ALA B 281 6.95 4.65 0.86
N ARG B 282 6.11 5.13 -0.06
CA ARG B 282 5.52 4.24 -1.06
C ARG B 282 6.60 3.60 -1.93
N MET B 283 7.61 4.40 -2.25
N MET B 283 7.66 4.33 -2.23
CA MET B 283 8.74 3.92 -3.06
CA MET B 283 8.70 3.74 -3.08
C MET B 283 9.50 2.81 -2.34
C MET B 283 9.56 2.75 -2.34
N LEU B 284 9.84 3.05 -1.08
CA LEU B 284 10.60 2.08 -0.26
C LEU B 284 9.83 0.79 -0.12
N ARG B 285 8.53 0.93 0.07
CA ARG B 285 7.68 -0.24 0.23
C ARG B 285 7.63 -1.06 -1.05
N SER B 286 7.72 -0.39 -2.20
CA SER B 286 7.65 -1.09 -3.49
C SER B 286 8.85 -2.02 -3.72
N HIS B 287 9.96 -1.74 -3.06
CA HIS B 287 11.18 -2.51 -3.27
C HIS B 287 11.18 -3.87 -2.59
N VAL B 288 10.33 -4.01 -1.56
CA VAL B 288 10.28 -5.25 -0.80
C VAL B 288 9.99 -6.45 -1.71
N SER B 289 8.98 -6.34 -2.56
N SER B 289 8.97 -6.32 -2.54
CA SER B 289 8.63 -7.44 -3.45
CA SER B 289 8.60 -7.40 -3.46
C SER B 289 9.76 -7.78 -4.42
C SER B 289 9.75 -7.76 -4.41
N ILE B 290 10.46 -6.75 -4.92
CA ILE B 290 11.59 -6.99 -5.81
C ILE B 290 12.64 -7.84 -5.10
N ALA B 291 12.96 -7.47 -3.87
CA ALA B 291 13.98 -8.17 -3.10
C ALA B 291 13.57 -9.61 -2.86
N LEU B 292 12.30 -9.82 -2.54
CA LEU B 292 11.81 -11.18 -2.25
C LEU B 292 11.86 -12.06 -3.49
N GLU B 293 11.43 -11.48 -4.62
CA GLU B 293 11.47 -12.22 -5.89
C GLU B 293 12.90 -12.52 -6.34
N ASN B 294 13.83 -11.60 -6.10
CA ASN B 294 15.24 -11.81 -6.43
C ASN B 294 15.88 -12.99 -5.71
N CYS B 295 15.24 -13.48 -4.65
CA CYS B 295 15.75 -14.65 -3.93
C CYS B 295 15.67 -15.92 -4.74
N VAL B 296 14.64 -16.03 -5.58
CA VAL B 296 14.34 -17.29 -6.25
C VAL B 296 15.20 -17.48 -7.50
N LEU B 297 16.50 -17.70 -7.28
CA LEU B 297 17.45 -17.94 -8.37
C LEU B 297 17.54 -19.41 -8.75
N TRP B 298 17.75 -19.67 -10.04
CA TRP B 298 17.83 -21.03 -10.54
C TRP B 298 19.15 -21.68 -10.22
N HIS B 299 19.07 -22.83 -9.55
CA HIS B 299 20.23 -23.64 -9.28
C HIS B 299 21.30 -22.85 -8.58
N GLU B 300 22.54 -23.01 -9.03
N GLU B 300 22.52 -22.91 -9.09
CA GLU B 300 23.64 -22.28 -8.40
CA GLU B 300 23.65 -22.26 -8.44
C GLU B 300 23.50 -20.77 -8.58
C GLU B 300 23.75 -20.78 -8.81
N ARG B 301 23.15 -20.33 -9.78
N ARG B 301 22.72 -20.29 -9.50
CA ARG B 301 22.78 -18.93 -10.00
CA ARG B 301 22.62 -18.86 -9.79
C ARG B 301 22.06 -18.66 -11.31
C ARG B 301 22.08 -18.55 -11.18
N ASP B 302 21.35 -17.53 -11.36
N ASP B 302 21.42 -17.40 -11.27
CA ASP B 302 20.92 -16.90 -12.60
CA ASP B 302 20.98 -16.84 -12.54
C ASP B 302 21.07 -15.39 -12.37
C ASP B 302 20.95 -15.33 -12.36
N ILE B 303 21.28 -14.63 -13.44
CA ILE B 303 21.63 -13.23 -13.26
C ILE B 303 20.47 -12.24 -13.31
N SER B 304 19.24 -12.74 -13.21
CA SER B 304 18.07 -11.86 -13.28
C SER B 304 18.06 -10.80 -12.17
N HIS B 305 18.63 -11.13 -11.02
CA HIS B 305 18.63 -10.19 -9.88
C HIS B 305 19.51 -8.98 -10.14
N SER B 306 20.45 -9.12 -11.07
CA SER B 306 21.47 -8.09 -11.26
C SER B 306 20.89 -6.77 -11.79
N SER B 307 20.20 -6.81 -12.93
CA SER B 307 19.61 -5.58 -13.48
C SER B 307 18.67 -4.94 -12.47
N ALA B 308 17.86 -5.74 -11.81
CA ALA B 308 16.95 -5.21 -10.79
C ALA B 308 17.70 -4.48 -9.68
N GLU B 309 18.73 -5.14 -9.15
CA GLU B 309 19.53 -4.54 -8.08
C GLU B 309 20.21 -3.23 -8.49
N ARG B 310 20.62 -3.13 -9.76
CA ARG B 310 21.26 -1.91 -10.24
C ARG B 310 20.33 -0.70 -10.17
N PHE B 311 19.02 -0.94 -10.29
CA PHE B 311 18.04 0.13 -10.16
C PHE B 311 17.67 0.37 -8.70
N TYR B 312 17.18 -0.66 -8.02
CA TYR B 312 16.50 -0.43 -6.75
C TYR B 312 17.43 -0.24 -5.53
N LEU B 313 18.61 -0.84 -5.54
CA LEU B 313 19.49 -0.70 -4.37
C LEU B 313 20.00 0.74 -4.18
N PRO B 314 20.56 1.37 -5.23
CA PRO B 314 20.96 2.76 -5.01
C PRO B 314 19.76 3.65 -4.70
N ASP B 315 18.59 3.34 -5.27
CA ASP B 315 17.42 4.16 -4.99
C ASP B 315 16.93 3.93 -3.57
N ASN B 316 16.97 2.69 -3.12
CA ASN B 316 16.51 2.37 -1.76
C ASN B 316 17.35 3.11 -0.73
N PHE B 317 18.67 2.98 -0.82
CA PHE B 317 19.52 3.70 0.13
C PHE B 317 19.44 5.22 -0.04
N GLY B 318 19.38 5.67 -1.28
CA GLY B 318 19.29 7.11 -1.53
C GLY B 318 18.01 7.70 -0.96
N ILE B 319 16.89 7.04 -1.20
CA ILE B 319 15.62 7.52 -0.69
C ILE B 319 15.57 7.42 0.84
N MET B 320 16.10 6.34 1.38
CA MET B 320 16.04 6.13 2.84
C MET B 320 16.80 7.24 3.55
N VAL B 321 18.02 7.52 3.10
CA VAL B 321 18.82 8.57 3.73
C VAL B 321 18.16 9.94 3.55
N TYR B 322 17.71 10.23 2.32
CA TYR B 322 16.99 11.48 2.06
C TYR B 322 15.78 11.64 2.98
N ALA B 323 15.00 10.57 3.13
CA ALA B 323 13.76 10.67 3.87
C ALA B 323 14.01 10.82 5.37
N LEU B 324 14.99 10.09 5.90
CA LEU B 324 15.28 10.18 7.34
C LEU B 324 15.80 11.56 7.71
N ARG B 325 16.62 12.16 6.85
CA ARG B 325 17.15 13.50 7.11
C ARG B 325 16.07 14.54 7.00
N ARG B 326 15.22 14.42 5.99
CA ARG B 326 14.18 15.43 5.79
C ARG B 326 13.13 15.35 6.90
N MET B 327 12.76 14.13 7.28
CA MET B 327 11.82 13.96 8.39
C MET B 327 12.38 14.51 9.69
N LYS B 328 13.67 14.27 9.95
CA LYS B 328 14.28 14.85 11.16
C LYS B 328 14.23 16.37 11.15
N ASN B 329 14.55 16.99 10.03
CA ASN B 329 14.52 18.44 9.99
C ASN B 329 13.09 18.96 10.12
N THR B 330 12.14 18.24 9.54
CA THR B 330 10.72 18.59 9.64
C THR B 330 10.23 18.49 11.09
N ILE B 331 10.64 17.44 11.80
CA ILE B 331 10.29 17.33 13.21
C ILE B 331 10.95 18.47 14.01
N ASP B 332 12.25 18.69 13.83
CA ASP B 332 12.92 19.78 14.53
C ASP B 332 12.24 21.12 14.34
N ASN B 333 11.79 21.39 13.11
CA ASN B 333 11.29 22.72 12.78
C ASN B 333 9.77 22.85 12.92
N LEU B 334 9.09 21.74 13.22
CA LEU B 334 7.65 21.75 13.39
C LEU B 334 7.22 22.75 14.47
N VAL B 335 6.20 23.57 14.18
CA VAL B 335 5.69 24.50 15.17
C VAL B 335 4.46 23.90 15.82
N VAL B 336 4.52 23.72 17.14
CA VAL B 336 3.41 23.13 17.89
C VAL B 336 2.55 24.26 18.49
N GLN B 337 1.26 24.26 18.18
CA GLN B 337 0.43 25.40 18.59
C GLN B 337 -0.33 25.09 19.88
N ARG B 338 0.35 25.31 21.00
CA ARG B 338 -0.14 24.84 22.28
C ARG B 338 -1.53 25.33 22.68
N ASP B 339 -1.79 26.61 22.50
CA ASP B 339 -3.09 27.15 22.90
C ASP B 339 -4.25 26.57 22.09
N ILE B 340 -4.03 26.34 20.79
CA ILE B 340 -5.05 25.68 19.97
C ILE B 340 -5.29 24.25 20.47
N ILE B 341 -4.20 23.55 20.76
CA ILE B 341 -4.27 22.17 21.22
C ILE B 341 -5.05 22.04 22.53
N GLU B 342 -4.70 22.88 23.50
CA GLU B 342 -5.29 22.76 24.83
C GLU B 342 -6.69 23.38 24.90
N ASP B 343 -6.96 24.38 24.08
CA ASP B 343 -8.30 24.97 24.03
C ASP B 343 -9.32 23.96 23.50
N ARG B 344 -8.87 23.08 22.62
CA ARG B 344 -9.73 22.04 22.08
C ARG B 344 -10.13 21.04 23.18
N VAL B 345 -9.20 20.75 24.09
CA VAL B 345 -9.53 19.95 25.26
C VAL B 345 -10.55 20.67 26.12
N ARG B 346 -10.38 21.98 26.30
CA ARG B 346 -11.31 22.78 27.07
C ARG B 346 -12.71 22.80 26.45
N SER B 347 -12.74 22.79 25.12
CA SER B 347 -14.01 22.91 24.40
C SER B 347 -14.84 21.62 24.43
N THR B 348 -14.25 20.54 24.92
CA THR B 348 -14.96 19.25 24.95
C THR B 348 -15.09 18.69 26.36
N SER B 349 -16.31 18.32 26.74
CA SER B 349 -16.56 17.70 28.05
C SER B 349 -17.18 16.29 28.03
N ALA B 350 -17.36 15.72 26.85
CA ALA B 350 -18.10 14.46 26.72
C ALA B 350 -17.47 13.28 27.45
N TYR B 351 -16.15 13.18 27.35
CA TYR B 351 -15.38 12.11 27.99
C TYR B 351 -15.60 12.01 29.51
N LEU B 352 -16.04 13.10 30.12
CA LEU B 352 -16.16 13.12 31.58
C LEU B 352 -17.23 12.18 32.12
N SER B 353 -18.22 11.86 31.30
CA SER B 353 -19.28 10.95 31.72
C SER B 353 -18.72 9.56 32.05
N SER B 354 -17.84 9.07 31.19
CA SER B 354 -17.20 7.79 31.45
C SER B 354 -16.38 7.85 32.74
N PHE B 355 -15.74 8.98 32.99
CA PHE B 355 -14.96 9.15 34.21
C PHE B 355 -15.87 9.01 35.43
N TYR B 356 -16.92 9.82 35.47
CA TYR B 356 -17.89 9.80 36.55
C TYR B 356 -18.62 8.47 36.68
N LEU B 357 -18.90 7.82 35.54
CA LEU B 357 -19.56 6.52 35.60
C LEU B 357 -18.69 5.52 36.34
N HIS B 358 -17.42 5.45 35.93
CA HIS B 358 -16.44 4.60 36.59
C HIS B 358 -16.26 4.97 38.04
N PHE B 359 -16.24 6.27 38.33
CA PHE B 359 -16.09 6.69 39.71
C PHE B 359 -17.22 6.16 40.59
N LEU B 360 -18.46 6.26 40.11
CA LEU B 360 -19.60 5.82 40.92
C LEU B 360 -19.63 4.30 41.04
N VAL B 361 -19.31 3.63 39.94
CA VAL B 361 -19.25 2.17 39.94
C VAL B 361 -18.24 1.69 40.97
N ALA B 362 -17.04 2.29 40.95
CA ALA B 362 -15.96 1.89 41.84
C ALA B 362 -16.16 2.29 43.30
N ASN B 363 -17.01 3.28 43.56
CA ASN B 363 -17.13 3.84 44.90
C ASN B 363 -18.51 3.75 45.56
N THR B 364 -19.50 3.24 44.82
CA THR B 364 -20.81 3.00 45.40
C THR B 364 -21.18 1.53 45.24
N PRO B 365 -22.11 1.05 46.08
CA PRO B 365 -22.75 -0.26 45.92
C PRO B 365 -23.71 -0.34 44.74
N PHE B 366 -24.03 0.80 44.13
CA PHE B 366 -24.94 0.86 42.97
C PHE B 366 -24.41 0.06 41.79
N MET B 367 -25.29 -0.32 40.86
CA MET B 367 -24.83 -1.02 39.65
C MET B 367 -24.82 -0.10 38.43
N ARG B 368 -24.09 -0.53 37.40
CA ARG B 368 -23.76 0.31 36.26
C ARG B 368 -24.98 1.05 35.72
N GLU B 369 -26.05 0.31 35.46
CA GLU B 369 -27.22 0.90 34.82
C GLU B 369 -27.80 2.03 35.66
N ASP B 370 -27.76 1.86 36.99
CA ASP B 370 -28.17 2.91 37.91
C ASP B 370 -27.24 4.13 37.86
N CYS B 371 -25.94 3.89 37.98
CA CYS B 371 -24.94 4.95 37.98
C CYS B 371 -25.00 5.78 36.70
N TYR B 372 -25.35 5.13 35.60
CA TYR B 372 -25.38 5.78 34.29
C TYR B 372 -26.48 6.83 34.18
N LYS B 373 -27.65 6.52 34.74
CA LYS B 373 -28.74 7.49 34.75
C LYS B 373 -28.42 8.69 35.64
N ILE B 374 -27.84 8.41 36.81
CA ILE B 374 -27.41 9.45 37.74
C ILE B 374 -26.46 10.45 37.07
N VAL B 375 -25.44 9.92 36.38
CA VAL B 375 -24.50 10.76 35.64
C VAL B 375 -25.22 11.46 34.49
N GLN B 376 -26.12 10.75 33.81
CA GLN B 376 -26.89 11.36 32.74
C GLN B 376 -27.84 12.42 33.29
N GLN B 377 -28.27 12.24 34.54
CA GLN B 377 -29.14 13.20 35.20
C GLN B 377 -28.44 14.54 35.44
N VAL B 378 -27.39 14.52 36.26
CA VAL B 378 -26.60 15.70 36.57
C VAL B 378 -26.12 16.40 35.30
N ALA B 379 -25.70 15.61 34.32
CA ALA B 379 -25.12 16.13 33.08
C ALA B 379 -26.08 17.02 32.28
N PHE B 380 -27.35 16.61 32.20
CA PHE B 380 -28.33 17.35 31.42
C PHE B 380 -28.98 18.47 32.22
N ASP B 381 -29.18 18.21 33.51
CA ASP B 381 -29.70 19.22 34.42
C ASP B 381 -28.72 20.38 34.54
N LEU B 382 -27.44 20.04 34.63
CA LEU B 382 -26.43 21.00 35.06
C LEU B 382 -25.23 21.05 34.13
N GLU B 386 -20.34 25.85 36.16
CA GLU B 386 -20.95 24.87 37.07
C GLU B 386 -20.12 23.60 37.19
N SER B 387 -19.78 23.24 38.43
CA SER B 387 -18.92 22.07 38.67
C SER B 387 -19.67 20.75 38.63
N PHE B 388 -19.40 19.94 37.60
CA PHE B 388 -19.99 18.61 37.45
C PHE B 388 -19.76 17.78 38.73
N SER B 389 -18.53 17.81 39.23
CA SER B 389 -18.16 17.03 40.41
C SER B 389 -19.01 17.37 41.63
N LYS B 390 -18.93 18.62 42.09
CA LYS B 390 -19.64 19.04 43.30
C LYS B 390 -21.15 18.80 43.23
N LYS B 391 -21.72 18.95 42.04
CA LYS B 391 -23.14 18.72 41.84
C LYS B 391 -23.51 17.24 41.95
N LEU B 392 -22.67 16.39 41.37
CA LEU B 392 -22.87 14.96 41.47
C LEU B 392 -22.72 14.52 42.93
N GLN B 393 -21.65 15.03 43.56
CA GLN B 393 -21.38 14.81 44.98
C GLN B 393 -22.58 15.21 45.84
N LYS B 394 -23.25 16.28 45.44
CA LYS B 394 -24.43 16.76 46.13
C LYS B 394 -25.54 15.70 46.10
N VAL B 395 -25.90 15.28 44.90
CA VAL B 395 -26.96 14.29 44.68
C VAL B 395 -26.71 12.97 45.39
N MET B 396 -25.46 12.51 45.33
CA MET B 396 -25.07 11.26 45.97
C MET B 396 -25.40 11.26 47.46
N HIS B 397 -24.94 12.28 48.18
CA HIS B 397 -25.33 12.41 49.57
C HIS B 397 -26.80 12.73 49.73
N ASP B 398 -27.28 13.69 48.94
CA ASP B 398 -28.66 14.14 49.02
C ASP B 398 -29.75 13.15 48.60
N GLU B 399 -29.60 12.61 47.39
CA GLU B 399 -30.46 11.53 46.91
C GLU B 399 -30.27 10.19 47.63
N HIS B 400 -29.01 9.81 47.84
CA HIS B 400 -28.69 8.47 48.31
C HIS B 400 -27.98 8.34 49.64
N ASN B 401 -27.70 9.46 50.29
CA ASN B 401 -27.00 9.43 51.58
C ASN B 401 -25.64 8.74 51.51
N ILE B 402 -24.92 8.96 50.41
CA ILE B 402 -23.57 8.43 50.22
C ILE B 402 -22.48 9.51 50.32
N ILE B 403 -21.42 9.20 51.05
CA ILE B 403 -20.34 10.15 51.30
C ILE B 403 -19.14 9.89 50.39
N LEU B 404 -18.83 10.87 49.55
CA LEU B 404 -17.80 10.73 48.53
C LEU B 404 -16.87 11.94 48.47
N ASP B 405 -15.59 11.69 48.18
CA ASP B 405 -14.69 12.79 47.85
C ASP B 405 -14.41 12.77 46.35
N ILE B 406 -15.31 13.36 45.58
CA ILE B 406 -15.18 13.41 44.12
C ILE B 406 -14.19 14.51 43.71
N PRO B 407 -13.11 14.14 43.03
CA PRO B 407 -12.13 15.17 42.69
C PRO B 407 -12.70 16.15 41.67
N GLU B 408 -12.29 17.41 41.78
CA GLU B 408 -12.76 18.46 40.88
C GLU B 408 -12.22 18.24 39.48
N MET B 409 -13.11 18.19 38.50
CA MET B 409 -12.71 17.96 37.12
C MET B 409 -12.63 19.26 36.32
N ASP B 410 -11.94 20.25 36.86
CA ASP B 410 -11.64 21.46 36.12
C ASP B 410 -10.45 21.16 35.21
N PHE B 411 -9.92 22.17 34.54
CA PHE B 411 -8.81 21.94 33.63
C PHE B 411 -7.64 21.26 34.33
N GLU B 412 -7.25 21.80 35.48
CA GLU B 412 -6.13 21.27 36.24
C GLU B 412 -6.38 19.82 36.69
N GLY B 413 -7.60 19.54 37.13
CA GLY B 413 -7.96 18.19 37.53
C GLY B 413 -7.97 17.23 36.35
N ILE B 414 -8.49 17.72 35.23
CA ILE B 414 -8.52 16.92 34.00
C ILE B 414 -7.09 16.53 33.59
N LYS B 415 -6.18 17.50 33.67
CA LYS B 415 -4.78 17.24 33.38
C LYS B 415 -4.20 16.21 34.34
N LYS B 416 -4.54 16.34 35.62
CA LYS B 416 -4.07 15.42 36.64
C LYS B 416 -4.53 14.01 36.37
N THR B 417 -5.73 13.90 35.81
CA THR B 417 -6.36 12.60 35.63
C THR B 417 -5.81 11.88 34.40
N TYR B 418 -5.81 12.58 33.27
CA TYR B 418 -5.53 11.92 32.01
C TYR B 418 -4.05 11.88 31.65
N LEU B 419 -3.22 12.52 32.46
CA LEU B 419 -1.77 12.45 32.29
C LEU B 419 -1.11 11.84 33.52
N LYS B 420 -1.91 11.16 34.34
CA LYS B 420 -1.45 10.56 35.60
C LYS B 420 -0.21 9.65 35.45
N GLU B 421 -0.18 8.85 34.39
CA GLU B 421 0.89 7.87 34.23
C GLU B 421 1.95 8.25 33.19
N ILE B 422 1.92 9.49 32.73
CA ILE B 422 2.79 9.87 31.61
C ILE B 422 4.29 9.70 31.96
N ASP B 423 4.66 9.92 33.22
CA ASP B 423 6.03 9.74 33.66
C ASP B 423 6.49 8.29 33.46
N HIS B 424 5.62 7.35 33.83
CA HIS B 424 5.93 5.93 33.71
C HIS B 424 6.11 5.49 32.27
N VAL B 425 5.28 6.04 31.38
CA VAL B 425 5.33 5.69 29.97
C VAL B 425 6.65 6.16 29.36
N PHE B 426 7.04 7.39 29.68
CA PHE B 426 8.31 7.92 29.21
C PHE B 426 9.48 7.11 29.75
N ASP B 427 9.47 6.84 31.06
CA ASP B 427 10.53 6.07 31.68
C ASP B 427 10.71 4.65 31.10
N ARG B 428 9.62 3.93 30.83
CA ARG B 428 9.77 2.58 30.30
C ARG B 428 10.13 2.60 28.81
N SER B 429 9.92 3.74 28.16
CA SER B 429 10.13 3.84 26.71
C SER B 429 11.56 4.25 26.36
N VAL B 430 12.24 4.88 27.30
CA VAL B 430 13.60 5.37 27.06
C VAL B 430 14.53 4.68 28.04
N LYS B 431 15.48 3.90 27.52
CA LYS B 431 16.28 3.01 28.37
C LYS B 431 16.84 3.64 29.65
N ALA B 432 17.69 4.66 29.52
CA ALA B 432 18.35 5.20 30.71
C ALA B 432 17.53 6.28 31.42
N ARG B 433 16.38 6.64 30.85
CA ARG B 433 15.56 7.70 31.43
C ARG B 433 14.88 7.16 32.65
N GLY B 434 15.11 7.78 33.81
CA GLY B 434 14.48 7.29 35.02
C GLY B 434 15.45 6.47 35.85
N GLU B 435 16.67 6.34 35.34
CA GLU B 435 17.77 5.79 36.12
C GLU B 435 18.54 6.96 36.74
N ASN B 436 18.99 6.81 37.98
CA ASN B 436 19.91 7.79 38.54
C ASN B 436 21.32 7.51 38.04
N LEU B 437 21.98 8.54 37.55
CA LEU B 437 23.22 8.35 36.82
C LEU B 437 24.43 8.96 37.52
N TYR B 438 24.19 9.93 38.41
CA TYR B 438 25.27 10.70 39.03
C TYR B 438 25.27 10.64 40.56
#